data_8QRT
#
_entry.id   8QRT
#
_cell.length_a   80.891
_cell.length_b   52.989
_cell.length_c   148.498
_cell.angle_alpha   90.000
_cell.angle_beta   91.665
_cell.angle_gamma   90.000
#
_symmetry.space_group_name_H-M   'P 1 21 1'
#
loop_
_entity.id
_entity.type
_entity.pdbx_description
1 polymer 'Acyl-acp thioesterase'
2 non-polymer (5~{S})-7-[[2,6-bis(fluoranyl)phenyl]methyl]-3-(3-methylthiophen-2-yl)-1-oxa-2,7-diazaspiro[4.4]non-2-en-6-one
3 water water
#
_entity_poly.entity_id   1
_entity_poly.type   'polypeptide(L)'
_entity_poly.pdbx_seq_one_letter_code
;MKHHHHHHPMASAATESATATATLEETLAQRLRLGSLEPDGLSYKESFIVRSYEVGVNKTATVETIANLLQEVGCNHAQS
VGFSTDGFATTTTMRLLRLIWVTARMHIEIYKYPAWGDVVEIETWCQEDGKIGTRRDWIIKDYSTGVVIGRATSKWVMMN
QDTRRLQRVNDEVREEYLIFCPRTPRLAFPEEDSDSLKKIPKLEEPAQSSKLGLVPRRADLDMNQHVNNVTYIGWVLESI
PQEIIDTHELQTITLDYRRECQHDDIVDSLSSREFGDTPQNGNHSTGRKEGECQFLHFLKLSGSGLEINRGRTQWRRLAK
;
_entity_poly.pdbx_strand_id   AAA,BBB,CCC,DDD
#
loop_
_chem_comp.id
_chem_comp.type
_chem_comp.name
_chem_comp.formula
WP2 non-polymer (5~{S})-7-[[2,6-bis(fluoranyl)phenyl]methyl]-3-(3-methylthiophen-2-yl)-1-oxa-2,7-diazaspiro[4.4]non-2-en-6-one 'C18 H16 F2 N2 O2 S'
#
# COMPACT_ATOMS: atom_id res chain seq x y z
N GLY A 35 16.98 0.30 28.81
CA GLY A 35 18.01 0.24 29.91
C GLY A 35 17.71 -0.90 30.88
N SER A 36 18.33 -0.92 32.04
CA SER A 36 18.20 -2.06 32.97
C SER A 36 18.71 -1.67 34.37
N LEU A 37 18.04 -2.15 35.41
CA LEU A 37 18.62 -2.15 36.77
C LEU A 37 19.96 -2.87 36.72
N GLU A 38 20.92 -2.42 37.52
CA GLU A 38 22.20 -3.14 37.77
C GLU A 38 21.92 -4.39 38.60
N PRO A 39 22.85 -5.37 38.65
CA PRO A 39 22.62 -6.60 39.40
C PRO A 39 22.12 -6.39 40.84
N ASP A 40 22.69 -5.44 41.59
CA ASP A 40 22.33 -5.17 43.02
C ASP A 40 20.96 -4.47 43.10
N GLY A 41 20.35 -4.04 41.99
CA GLY A 41 19.04 -3.35 41.95
C GLY A 41 19.03 -1.94 42.53
N LEU A 42 20.19 -1.32 42.79
CA LEU A 42 20.30 -0.01 43.50
C LEU A 42 20.74 1.13 42.55
N SER A 43 20.91 0.83 41.27
CA SER A 43 21.17 1.86 40.22
C SER A 43 20.66 1.33 38.89
N TYR A 44 20.52 2.23 37.92
CA TYR A 44 19.93 1.95 36.60
C TYR A 44 20.83 2.49 35.50
N LYS A 45 20.96 1.78 34.39
CA LYS A 45 21.85 2.15 33.28
C LYS A 45 21.07 2.11 31.98
N GLU A 46 21.29 3.09 31.11
CA GLU A 46 20.67 3.15 29.78
C GLU A 46 21.66 3.77 28.81
N SER A 47 21.70 3.25 27.59
CA SER A 47 22.57 3.74 26.50
C SER A 47 21.71 4.42 25.44
N PHE A 48 22.30 5.41 24.77
CA PHE A 48 21.67 6.18 23.68
C PHE A 48 22.70 6.37 22.58
N ILE A 49 22.23 6.39 21.34
CA ILE A 49 23.04 6.72 20.14
C ILE A 49 22.66 8.14 19.75
N VAL A 50 23.60 9.06 19.81
CA VAL A 50 23.31 10.50 19.57
C VAL A 50 22.84 10.64 18.12
N ARG A 51 21.74 11.36 17.92
CA ARG A 51 21.06 11.51 16.61
C ARG A 51 21.49 12.81 15.97
N SER A 52 21.44 12.85 14.64
CA SER A 52 21.87 14.02 13.83
C SER A 52 21.12 15.28 14.31
N TYR A 53 19.85 15.17 14.65
CA TYR A 53 19.04 16.37 15.00
C TYR A 53 19.29 16.76 16.46
N GLU A 54 20.00 15.95 17.26
CA GLU A 54 20.26 16.23 18.69
C GLU A 54 21.51 17.11 18.86
N VAL A 55 22.25 17.40 17.78
CA VAL A 55 23.50 18.22 17.87
C VAL A 55 23.20 19.65 17.45
N GLY A 56 23.95 20.61 18.01
CA GLY A 56 23.84 22.05 17.74
C GLY A 56 25.06 22.57 16.99
N VAL A 57 25.35 23.87 17.16
CA VAL A 57 26.39 24.61 16.39
C VAL A 57 27.76 23.98 16.60
N ASN A 58 28.04 23.38 17.76
CA ASN A 58 29.40 22.84 18.03
C ASN A 58 29.51 21.42 17.47
N LYS A 59 28.49 20.95 16.72
CA LYS A 59 28.50 19.61 16.05
C LYS A 59 28.50 18.52 17.11
N THR A 60 28.00 18.82 18.31
CA THR A 60 27.87 17.86 19.42
C THR A 60 26.50 18.07 20.06
N ALA A 61 26.05 17.08 20.83
CA ALA A 61 24.72 17.08 21.50
C ALA A 61 24.51 18.40 22.26
N THR A 62 23.34 18.99 22.11
CA THR A 62 22.94 20.22 22.82
C THR A 62 22.78 19.91 24.31
N VAL A 63 22.83 20.96 25.12
CA VAL A 63 22.50 20.88 26.58
C VAL A 63 21.08 20.30 26.71
N GLU A 64 20.16 20.71 25.84
CA GLU A 64 18.74 20.26 25.89
C GLU A 64 18.69 18.74 25.70
N THR A 65 19.44 18.21 24.74
CA THR A 65 19.50 16.76 24.51
C THR A 65 20.00 16.06 25.77
N ILE A 66 21.09 16.53 26.36
CA ILE A 66 21.67 15.90 27.58
C ILE A 66 20.57 15.89 28.65
N ALA A 67 19.89 17.00 28.91
CA ALA A 67 18.85 17.10 29.95
C ALA A 67 17.73 16.10 29.68
N ASN A 68 17.37 15.91 28.41
CA ASN A 68 16.32 14.96 27.97
C ASN A 68 16.76 13.52 28.30
N LEU A 69 18.01 13.18 28.00
CA LEU A 69 18.57 11.83 28.28
C LEU A 69 18.61 11.60 29.80
N LEU A 70 18.97 12.61 30.60
CA LEU A 70 18.99 12.48 32.09
C LEU A 70 17.56 12.19 32.58
N GLN A 71 16.56 12.92 32.06
CA GLN A 71 15.12 12.73 32.41
C GLN A 71 14.69 11.30 32.01
N GLU A 72 15.07 10.85 30.80
CA GLU A 72 14.65 9.54 30.26
C GLU A 72 15.14 8.42 31.17
N VAL A 73 16.42 8.37 31.50
CA VAL A 73 16.97 7.25 32.31
C VAL A 73 16.36 7.33 33.72
N GLY A 74 16.12 8.54 34.26
CA GLY A 74 15.44 8.69 35.56
C GLY A 74 14.03 8.09 35.56
N CYS A 75 13.27 8.34 34.49
CA CYS A 75 11.88 7.84 34.32
C CYS A 75 11.89 6.31 34.17
N ASN A 76 12.79 5.77 33.36
CA ASN A 76 12.91 4.29 33.19
C ASN A 76 13.28 3.64 34.52
N HIS A 77 14.11 4.29 35.34
CA HIS A 77 14.51 3.78 36.67
C HIS A 77 13.28 3.76 37.60
N ALA A 78 12.52 4.85 37.66
CA ALA A 78 11.28 4.96 38.46
C ALA A 78 10.35 3.80 38.08
N GLN A 79 10.18 3.57 36.78
CA GLN A 79 9.25 2.53 36.29
C GLN A 79 9.76 1.15 36.76
N SER A 80 11.07 0.92 36.75
CA SER A 80 11.69 -0.40 37.05
C SER A 80 11.51 -0.77 38.52
N VAL A 81 11.32 0.20 39.41
CA VAL A 81 11.15 -0.07 40.87
C VAL A 81 9.69 0.13 41.29
N GLY A 82 8.78 0.35 40.34
CA GLY A 82 7.33 0.40 40.59
C GLY A 82 6.84 1.73 41.12
N PHE A 83 7.59 2.83 40.97
CA PHE A 83 7.11 4.20 41.33
C PHE A 83 6.34 4.78 40.13
N SER A 84 5.61 5.89 40.34
CA SER A 84 4.83 6.55 39.27
C SER A 84 5.78 6.99 38.14
N THR A 85 5.26 7.05 36.93
CA THR A 85 5.99 7.50 35.71
C THR A 85 5.35 8.78 35.19
N ASP A 86 4.55 9.45 36.03
CA ASP A 86 3.78 10.68 35.70
C ASP A 86 4.66 11.93 35.93
N GLY A 87 5.93 11.77 36.32
CA GLY A 87 6.85 12.88 36.58
C GLY A 87 6.93 13.26 38.04
N PHE A 88 6.17 12.59 38.94
CA PHE A 88 6.19 12.88 40.41
C PHE A 88 6.87 11.74 41.18
N ALA A 89 7.16 10.63 40.50
CA ALA A 89 7.89 9.45 41.01
C ALA A 89 7.39 9.06 42.42
N THR A 90 6.07 8.85 42.56
CA THR A 90 5.42 8.59 43.86
C THR A 90 5.51 7.11 44.26
N THR A 91 5.54 6.90 45.57
CA THR A 91 5.32 5.63 46.29
C THR A 91 3.84 5.53 46.66
N THR A 92 3.43 4.34 47.13
CA THR A 92 2.06 4.06 47.59
C THR A 92 1.64 5.09 48.64
N THR A 93 2.43 5.28 49.68
CA THR A 93 2.10 6.19 50.83
C THR A 93 2.06 7.65 50.35
N MET A 94 2.95 8.06 49.43
CA MET A 94 2.87 9.45 48.93
C MET A 94 1.51 9.67 48.27
N ARG A 95 1.03 8.71 47.48
CA ARG A 95 -0.26 8.86 46.75
C ARG A 95 -1.40 8.96 47.79
N LEU A 96 -1.36 8.15 48.85
CA LEU A 96 -2.33 8.20 49.98
C LEU A 96 -2.35 9.62 50.57
N LEU A 97 -1.17 10.20 50.78
CA LEU A 97 -0.97 11.48 51.51
C LEU A 97 -1.03 12.67 50.56
N ARG A 98 -1.29 12.45 49.27
CA ARG A 98 -1.40 13.53 48.24
C ARG A 98 -0.07 14.28 48.11
N LEU A 99 1.04 13.54 48.18
CA LEU A 99 2.42 14.09 48.08
C LEU A 99 3.04 13.74 46.72
N ILE A 100 3.86 14.66 46.22
CA ILE A 100 4.60 14.53 44.93
C ILE A 100 6.04 15.05 45.13
N TRP A 101 6.99 14.48 44.41
CA TRP A 101 8.37 15.02 44.37
C TRP A 101 8.36 16.21 43.42
N VAL A 102 8.96 17.32 43.81
CA VAL A 102 9.19 18.48 42.89
C VAL A 102 10.67 18.86 42.92
N THR A 103 11.21 19.40 41.83
CA THR A 103 12.65 19.74 41.73
C THR A 103 12.93 21.02 42.52
N ALA A 104 13.94 20.99 43.39
CA ALA A 104 14.47 22.19 44.05
C ALA A 104 15.68 22.71 43.28
N ARG A 105 16.56 21.81 42.84
CA ARG A 105 17.80 22.17 42.12
C ARG A 105 18.13 21.09 41.10
N MET A 106 18.66 21.52 39.95
CA MET A 106 19.29 20.61 38.95
C MET A 106 20.68 21.16 38.65
N HIS A 107 21.70 20.28 38.63
CA HIS A 107 23.09 20.66 38.31
C HIS A 107 23.61 19.68 37.25
N ILE A 108 24.02 20.19 36.08
CA ILE A 108 24.67 19.37 35.02
C ILE A 108 26.09 19.89 34.78
N GLU A 109 27.07 18.98 34.74
CA GLU A 109 28.46 19.28 34.33
C GLU A 109 28.83 18.38 33.14
N ILE A 110 29.28 19.00 32.03
CA ILE A 110 29.71 18.29 30.80
C ILE A 110 31.20 18.56 30.58
N TYR A 111 32.02 17.50 30.56
CA TYR A 111 33.46 17.53 30.23
C TYR A 111 33.66 17.52 28.70
N LYS A 112 32.88 16.70 28.02
CA LYS A 112 32.90 16.57 26.54
C LYS A 112 31.50 16.21 26.05
N TYR A 113 30.93 16.99 25.14
CA TYR A 113 29.64 16.68 24.49
C TYR A 113 29.88 15.59 23.44
N PRO A 114 29.04 14.53 23.40
CA PRO A 114 29.18 13.48 22.40
C PRO A 114 28.72 13.93 21.01
N ALA A 115 29.26 13.32 19.96
CA ALA A 115 28.95 13.66 18.55
C ALA A 115 27.85 12.74 18.03
N TRP A 116 27.31 13.07 16.87
CA TRP A 116 26.37 12.22 16.10
C TRP A 116 26.96 10.80 15.92
N GLY A 117 26.24 9.78 16.37
CA GLY A 117 26.70 8.38 16.22
C GLY A 117 27.42 7.87 17.45
N ASP A 118 27.87 8.76 18.36
CA ASP A 118 28.47 8.29 19.64
C ASP A 118 27.41 7.58 20.47
N VAL A 119 27.81 6.52 21.14
CA VAL A 119 26.99 5.81 22.15
C VAL A 119 27.40 6.34 23.52
N VAL A 120 26.42 6.80 24.30
CA VAL A 120 26.68 7.24 25.69
C VAL A 120 25.86 6.34 26.61
N GLU A 121 26.45 6.02 27.76
CA GLU A 121 25.79 5.21 28.80
C GLU A 121 25.64 6.10 30.02
N ILE A 122 24.43 6.17 30.55
CA ILE A 122 24.14 6.99 31.76
C ILE A 122 23.70 6.03 32.85
N GLU A 123 24.42 6.08 33.98
CA GLU A 123 24.01 5.38 35.22
C GLU A 123 23.38 6.41 36.15
N THR A 124 22.25 6.05 36.78
CA THR A 124 21.54 6.97 37.69
C THR A 124 21.11 6.18 38.93
N TRP A 125 21.03 6.89 40.05
CA TRP A 125 20.60 6.33 41.35
C TRP A 125 20.14 7.50 42.23
N CYS A 126 19.40 7.18 43.29
CA CYS A 126 18.90 8.15 44.27
C CYS A 126 19.49 7.87 45.64
N GLN A 127 19.47 8.90 46.49
CA GLN A 127 20.01 8.87 47.88
C GLN A 127 19.06 9.73 48.72
N GLU A 128 18.91 9.40 49.99
CA GLU A 128 18.26 10.31 50.96
C GLU A 128 19.03 11.64 50.96
N ASP A 129 18.33 12.78 51.05
CA ASP A 129 18.91 14.14 51.24
C ASP A 129 18.30 14.75 52.51
N GLY A 130 18.83 14.35 53.66
CA GLY A 130 18.40 14.78 55.01
C GLY A 130 16.90 14.57 55.23
N LYS A 131 16.30 15.43 56.06
CA LYS A 131 14.84 15.46 56.32
C LYS A 131 14.09 16.03 55.13
N ILE A 132 14.75 16.85 54.31
CA ILE A 132 14.06 17.73 53.32
C ILE A 132 13.68 16.95 52.05
N GLY A 133 14.40 15.86 51.69
CA GLY A 133 14.12 15.23 50.41
C GLY A 133 15.06 14.14 49.96
N THR A 134 15.22 14.05 48.63
CA THR A 134 16.02 13.02 47.93
C THR A 134 16.93 13.71 46.92
N ARG A 135 18.02 13.02 46.56
CA ARG A 135 19.00 13.38 45.53
C ARG A 135 18.89 12.35 44.42
N ARG A 136 18.86 12.77 43.15
CA ARG A 136 19.15 11.84 42.04
C ARG A 136 20.47 12.27 41.41
N ASP A 137 21.37 11.31 41.25
CA ASP A 137 22.70 11.53 40.61
C ASP A 137 22.75 10.78 39.28
N TRP A 138 23.58 11.27 38.37
CA TRP A 138 23.86 10.59 37.08
C TRP A 138 25.35 10.67 36.77
N ILE A 139 25.90 9.63 36.14
CA ILE A 139 27.25 9.66 35.51
C ILE A 139 27.05 9.32 34.03
N ILE A 140 27.58 10.15 33.15
CA ILE A 140 27.50 10.00 31.67
C ILE A 140 28.88 9.50 31.19
N LYS A 141 28.93 8.32 30.56
CA LYS A 141 30.17 7.76 29.99
C LYS A 141 30.06 7.71 28.47
N ASP A 142 31.18 7.96 27.81
CA ASP A 142 31.38 7.58 26.39
C ASP A 142 31.47 6.05 26.43
N TYR A 143 30.49 5.37 25.83
CA TYR A 143 30.37 3.91 25.92
C TYR A 143 31.57 3.24 25.26
N SER A 144 32.09 3.85 24.20
CA SER A 144 33.22 3.29 23.43
C SER A 144 34.50 3.20 24.28
N THR A 145 34.85 4.27 25.02
CA THR A 145 36.11 4.34 25.82
C THR A 145 35.89 3.99 27.29
N GLY A 146 34.66 4.10 27.80
CA GLY A 146 34.39 3.99 29.25
C GLY A 146 34.77 5.25 30.02
N VAL A 147 35.18 6.32 29.35
CA VAL A 147 35.58 7.60 30.01
C VAL A 147 34.33 8.37 30.45
N VAL A 148 34.35 8.94 31.65
CA VAL A 148 33.27 9.86 32.14
C VAL A 148 33.37 11.17 31.35
N ILE A 149 32.30 11.53 30.64
CA ILE A 149 32.23 12.78 29.84
C ILE A 149 31.28 13.77 30.51
N GLY A 150 30.60 13.39 31.58
CA GLY A 150 29.75 14.34 32.33
C GLY A 150 29.09 13.70 33.53
N ARG A 151 28.35 14.51 34.28
CA ARG A 151 27.73 14.08 35.55
C ARG A 151 26.69 15.13 35.91
N ALA A 152 25.73 14.70 36.73
CA ALA A 152 24.57 15.55 37.10
C ALA A 152 24.07 15.12 38.48
N THR A 153 23.47 16.07 39.17
CA THR A 153 22.78 15.82 40.45
C THR A 153 21.57 16.75 40.53
N SER A 154 20.58 16.35 41.30
CA SER A 154 19.28 17.02 41.45
C SER A 154 18.82 16.85 42.91
N LYS A 155 18.24 17.90 43.48
CA LYS A 155 17.56 17.84 44.79
C LYS A 155 16.05 17.93 44.58
N TRP A 156 15.32 17.01 45.20
CA TRP A 156 13.84 16.92 45.16
C TRP A 156 13.31 17.08 46.57
N VAL A 157 12.17 17.75 46.70
CA VAL A 157 11.48 17.95 47.99
C VAL A 157 10.06 17.44 47.85
N MET A 158 9.45 17.08 48.97
CA MET A 158 8.06 16.58 48.98
C MET A 158 7.10 17.75 49.17
N MET A 159 6.15 17.87 48.26
CA MET A 159 5.08 18.90 48.27
C MET A 159 3.72 18.19 48.35
N ASN A 160 2.81 18.69 49.18
CA ASN A 160 1.36 18.35 49.10
C ASN A 160 0.80 18.96 47.80
N GLN A 161 0.28 18.14 46.89
CA GLN A 161 -0.10 18.59 45.52
C GLN A 161 -1.34 19.50 45.56
N ASP A 162 -2.11 19.48 46.65
CA ASP A 162 -3.32 20.34 46.81
C ASP A 162 -2.97 21.69 47.44
N THR A 163 -2.04 21.72 48.41
CA THR A 163 -1.76 22.92 49.22
C THR A 163 -0.49 23.63 48.71
N ARG A 164 0.31 22.95 47.90
CA ARG A 164 1.62 23.42 47.37
C ARG A 164 2.60 23.68 48.53
N ARG A 165 2.26 23.23 49.75
CA ARG A 165 3.14 23.35 50.94
C ARG A 165 4.17 22.22 50.94
N LEU A 166 5.43 22.57 51.21
CA LEU A 166 6.54 21.61 51.31
C LEU A 166 6.37 20.87 52.63
N GLN A 167 7.00 19.71 52.70
CA GLN A 167 6.77 18.68 53.73
C GLN A 167 8.11 17.98 53.97
N ARG A 168 8.42 17.75 55.25
CA ARG A 168 9.46 16.79 55.72
C ARG A 168 8.91 15.37 55.55
N VAL A 169 9.77 14.42 55.18
CA VAL A 169 9.40 13.07 54.68
C VAL A 169 9.05 12.16 55.86
N ASN A 170 7.86 11.55 55.91
CA ASN A 170 7.45 10.57 56.95
C ASN A 170 8.37 9.35 56.88
N ASP A 171 8.52 8.56 57.94
CA ASP A 171 9.44 7.38 57.97
C ASP A 171 8.87 6.29 57.06
N GLU A 172 7.54 6.23 56.94
CA GLU A 172 6.80 5.27 56.10
C GLU A 172 7.16 5.52 54.64
N VAL A 173 7.13 6.79 54.23
CA VAL A 173 7.52 7.18 52.85
C VAL A 173 9.02 6.96 52.67
N ARG A 174 9.83 7.30 53.70
CA ARG A 174 11.30 7.14 53.63
C ARG A 174 11.57 5.68 53.28
N GLU A 175 11.00 4.72 54.02
CA GLU A 175 11.40 3.30 53.91
C GLU A 175 11.03 2.77 52.51
N GLU A 176 9.90 3.20 51.98
CA GLU A 176 9.39 2.75 50.66
C GLU A 176 10.41 3.05 49.55
N TYR A 177 11.18 4.15 49.62
CA TYR A 177 12.17 4.47 48.56
C TYR A 177 13.59 4.04 48.98
N LEU A 178 13.94 4.10 50.28
CA LEU A 178 15.32 3.88 50.76
C LEU A 178 15.79 2.47 50.40
N ILE A 179 14.85 1.54 50.23
CA ILE A 179 15.05 0.13 49.80
C ILE A 179 15.63 0.09 48.37
N PHE A 180 15.43 1.15 47.58
CA PHE A 180 15.89 1.24 46.16
C PHE A 180 17.13 2.15 46.05
N CYS A 181 17.72 2.55 47.18
CA CYS A 181 18.88 3.49 47.25
C CYS A 181 20.07 2.76 47.85
N PRO A 182 21.31 2.99 47.36
CA PRO A 182 22.49 2.44 48.03
C PRO A 182 22.51 2.82 49.51
N ARG A 183 22.99 1.89 50.35
CA ARG A 183 22.97 2.01 51.83
C ARG A 183 24.12 2.94 52.20
N THR A 184 25.31 2.69 51.65
CA THR A 184 26.44 3.66 51.69
C THR A 184 26.26 4.65 50.54
N PRO A 185 26.13 5.97 50.81
CA PRO A 185 25.93 6.94 49.76
C PRO A 185 27.01 6.84 48.66
N ARG A 186 26.57 6.82 47.40
CA ARG A 186 27.36 7.07 46.16
C ARG A 186 27.10 8.53 45.74
N LEU A 187 28.16 9.31 45.50
CA LEU A 187 28.11 10.70 45.00
C LEU A 187 28.71 10.76 43.59
N ALA A 188 27.99 11.30 42.61
CA ALA A 188 28.60 11.74 41.33
C ALA A 188 29.49 12.96 41.60
N PHE A 189 29.25 13.70 42.69
CA PHE A 189 30.04 14.91 43.06
C PHE A 189 30.67 14.67 44.44
N PRO A 190 31.71 13.79 44.53
CA PRO A 190 32.30 13.44 45.83
C PRO A 190 33.30 14.51 46.31
N GLU A 191 33.64 15.50 45.49
CA GLU A 191 34.63 16.54 45.88
C GLU A 191 34.07 17.39 47.02
N GLU A 192 35.01 17.98 47.78
CA GLU A 192 34.86 18.72 49.05
C GLU A 192 33.72 19.75 49.05
N ASP A 193 33.85 20.78 48.23
CA ASP A 193 33.01 22.01 48.29
C ASP A 193 32.39 22.16 46.90
N SER A 194 31.61 21.17 46.47
CA SER A 194 31.16 21.00 45.07
C SER A 194 30.41 22.25 44.58
N ASP A 195 30.70 22.67 43.35
CA ASP A 195 29.90 23.70 42.64
C ASP A 195 28.42 23.30 42.64
N SER A 196 28.13 22.01 42.70
CA SER A 196 26.74 21.48 42.63
C SER A 196 25.94 21.93 43.85
N LEU A 197 26.58 22.30 44.96
CA LEU A 197 25.90 22.72 46.22
C LEU A 197 26.08 24.23 46.45
N LYS A 198 26.75 24.93 45.54
CA LYS A 198 27.02 26.39 45.68
C LYS A 198 25.72 27.18 45.54
N LYS A 199 25.49 28.12 46.45
CA LYS A 199 24.27 28.99 46.47
C LYS A 199 24.28 29.89 45.24
N ILE A 200 23.12 30.22 44.71
CA ILE A 200 22.95 31.16 43.57
C ILE A 200 22.31 32.43 44.11
N PRO A 201 23.04 33.57 44.07
CA PRO A 201 22.42 34.86 44.43
C PRO A 201 21.48 35.33 43.32
N LYS A 202 20.62 36.29 43.67
CA LYS A 202 19.71 36.98 42.75
C LYS A 202 20.51 38.10 42.08
N LEU A 203 20.64 38.08 40.75
CA LEU A 203 21.36 39.15 40.03
C LEU A 203 20.62 40.47 40.22
N GLU A 204 21.37 41.57 40.24
CA GLU A 204 20.82 42.95 40.43
C GLU A 204 20.40 43.51 39.06
N GLU A 205 19.20 44.07 38.98
CA GLU A 205 18.70 44.72 37.75
C GLU A 205 19.25 46.14 37.70
N PRO A 206 19.42 46.74 36.50
CA PRO A 206 19.22 46.04 35.22
C PRO A 206 20.27 44.95 34.93
N ALA A 207 19.80 43.81 34.44
CA ALA A 207 20.64 42.69 33.92
C ALA A 207 21.46 43.19 32.74
N GLN A 208 22.67 42.65 32.54
CA GLN A 208 23.54 42.98 31.37
C GLN A 208 22.89 42.49 30.08
N SER A 209 22.20 41.36 30.14
CA SER A 209 21.67 40.67 28.95
C SER A 209 20.27 40.15 29.29
N SER A 210 19.34 40.23 28.35
CA SER A 210 17.94 39.80 28.58
C SER A 210 17.26 39.38 27.28
N LYS A 211 16.38 38.39 27.41
CA LYS A 211 15.39 37.99 26.39
C LYS A 211 14.01 38.12 27.07
N LEU A 212 13.26 39.15 26.68
CA LEU A 212 11.99 39.53 27.33
C LEU A 212 10.81 38.89 26.60
N GLY A 213 9.76 38.57 27.35
CA GLY A 213 8.45 38.19 26.79
C GLY A 213 8.45 36.84 26.12
N LEU A 214 9.16 35.87 26.68
CA LEU A 214 9.18 34.48 26.17
C LEU A 214 7.84 33.82 26.49
N VAL A 215 7.26 33.10 25.54
CA VAL A 215 5.92 32.45 25.70
C VAL A 215 6.08 30.96 25.43
N PRO A 216 5.63 30.07 26.33
CA PRO A 216 5.71 28.64 26.10
C PRO A 216 4.76 28.24 24.96
N ARG A 217 5.19 27.26 24.18
CA ARG A 217 4.40 26.59 23.12
C ARG A 217 3.73 25.37 23.73
N ARG A 218 2.65 24.87 23.12
CA ARG A 218 2.05 23.55 23.47
C ARG A 218 3.15 22.47 23.53
N ALA A 219 4.11 22.50 22.60
CA ALA A 219 5.22 21.51 22.54
C ALA A 219 6.12 21.62 23.79
N ASP A 220 6.07 22.73 24.54
CA ASP A 220 6.93 22.95 25.74
C ASP A 220 6.25 22.49 27.02
N LEU A 221 5.01 21.99 26.96
CA LEU A 221 4.23 21.64 28.18
C LEU A 221 4.48 20.17 28.53
N ASP A 222 4.71 19.89 29.82
CA ASP A 222 4.77 18.52 30.40
C ASP A 222 3.35 17.98 30.44
N MET A 223 3.19 16.70 30.78
CA MET A 223 1.88 15.99 30.74
C MET A 223 1.02 16.48 31.91
N ASN A 224 1.32 17.64 32.50
CA ASN A 224 0.51 18.35 33.53
C ASN A 224 0.40 19.84 33.19
N GLN A 225 0.67 20.24 31.93
CA GLN A 225 0.38 21.58 31.37
C GLN A 225 1.33 22.64 31.96
N HIS A 226 2.46 22.21 32.52
CA HIS A 226 3.54 23.08 33.04
C HIS A 226 4.71 23.07 32.04
N VAL A 227 5.37 24.20 31.87
CA VAL A 227 6.64 24.31 31.08
C VAL A 227 7.60 23.22 31.59
N ASN A 228 8.12 22.39 30.67
CA ASN A 228 9.05 21.27 31.02
C ASN A 228 10.46 21.84 31.27
N ASN A 229 11.35 21.01 31.79
CA ASN A 229 12.70 21.39 32.28
C ASN A 229 13.56 21.87 31.11
N VAL A 230 13.51 21.15 29.99
CA VAL A 230 14.33 21.48 28.78
C VAL A 230 13.97 22.89 28.32
N THR A 231 12.70 23.31 28.46
CA THR A 231 12.26 24.65 28.04
C THR A 231 12.94 25.68 28.96
N TYR A 232 13.03 25.44 30.27
CA TYR A 232 13.68 26.38 31.22
C TYR A 232 15.16 26.54 30.84
N ILE A 233 15.82 25.41 30.56
CA ILE A 233 17.26 25.40 30.17
C ILE A 233 17.42 26.24 28.90
N GLY A 234 16.58 26.02 27.89
CA GLY A 234 16.57 26.80 26.65
C GLY A 234 16.39 28.28 26.93
N TRP A 235 15.41 28.63 27.76
CA TRP A 235 15.14 30.04 28.15
C TRP A 235 16.36 30.65 28.83
N VAL A 236 17.02 29.88 29.70
CA VAL A 236 18.25 30.39 30.40
C VAL A 236 19.30 30.72 29.32
N LEU A 237 19.51 29.82 28.37
CA LEU A 237 20.54 29.97 27.31
C LEU A 237 20.19 31.11 26.36
N GLU A 238 18.89 31.43 26.15
CA GLU A 238 18.48 32.59 25.32
C GLU A 238 19.11 33.89 25.85
N SER A 239 19.38 33.98 27.16
CA SER A 239 19.91 35.20 27.80
C SER A 239 21.43 35.34 27.59
N ILE A 240 22.09 34.34 27.01
CA ILE A 240 23.58 34.37 26.83
C ILE A 240 23.89 35.17 25.58
N PRO A 241 24.83 36.13 25.65
CA PRO A 241 25.25 36.87 24.45
C PRO A 241 25.73 35.95 23.31
N GLN A 242 25.35 36.27 22.06
CA GLN A 242 25.71 35.49 20.86
C GLN A 242 27.23 35.34 20.78
N GLU A 243 27.95 36.40 21.14
CA GLU A 243 29.44 36.42 21.11
C GLU A 243 29.98 35.25 21.97
N ILE A 244 29.31 34.95 23.08
CA ILE A 244 29.72 33.84 23.99
C ILE A 244 29.39 32.50 23.31
N ILE A 245 28.18 32.38 22.77
CA ILE A 245 27.72 31.15 22.06
C ILE A 245 28.73 30.84 20.96
N ASP A 246 29.25 31.89 20.28
CA ASP A 246 30.13 31.74 19.09
C ASP A 246 31.54 31.26 19.48
N THR A 247 31.97 31.46 20.73
CA THR A 247 33.40 31.28 21.13
C THR A 247 33.57 30.31 22.31
N HIS A 248 32.49 29.95 23.02
CA HIS A 248 32.54 29.15 24.27
C HIS A 248 31.52 28.01 24.23
N GLU A 249 31.71 26.97 25.05
CA GLU A 249 30.63 26.00 25.31
C GLU A 249 30.38 25.85 26.82
N LEU A 250 29.20 25.37 27.15
CA LEU A 250 28.71 25.30 28.53
C LEU A 250 29.39 24.10 29.20
N GLN A 251 30.06 24.34 30.32
CA GLN A 251 30.59 23.25 31.16
C GLN A 251 29.60 22.91 32.28
N THR A 252 28.99 23.88 32.95
CA THR A 252 28.02 23.57 34.02
C THR A 252 26.81 24.49 33.92
N ILE A 253 25.65 23.95 34.29
CA ILE A 253 24.41 24.73 34.52
C ILE A 253 23.83 24.26 35.86
N THR A 254 23.44 25.21 36.68
CA THR A 254 22.73 25.01 37.96
C THR A 254 21.45 25.84 37.91
N LEU A 255 20.29 25.23 38.15
CA LEU A 255 18.98 25.93 38.26
C LEU A 255 18.42 25.61 39.64
N ASP A 256 18.00 26.67 40.37
CA ASP A 256 17.13 26.56 41.57
C ASP A 256 15.72 26.94 41.15
N TYR A 257 14.74 26.06 41.37
CA TYR A 257 13.34 26.28 40.93
C TYR A 257 12.54 26.84 42.09
N ARG A 258 11.70 27.83 41.80
CA ARG A 258 10.79 28.43 42.81
C ARG A 258 9.34 28.14 42.42
N ARG A 259 8.94 28.44 41.19
CA ARG A 259 7.53 28.37 40.74
C ARG A 259 7.44 27.74 39.37
N GLU A 260 6.32 27.14 39.05
CA GLU A 260 6.02 26.57 37.72
C GLU A 260 5.47 27.70 36.85
N CYS A 261 5.85 27.67 35.58
CA CYS A 261 5.33 28.57 34.54
C CYS A 261 4.10 27.89 33.92
N GLN A 262 2.97 28.61 33.88
CA GLN A 262 1.67 28.15 33.33
C GLN A 262 1.63 28.41 31.83
N HIS A 263 0.72 27.75 31.10
CA HIS A 263 0.57 27.87 29.62
C HIS A 263 0.46 29.35 29.20
N ASP A 264 -0.17 30.19 30.00
CA ASP A 264 -0.48 31.61 29.63
C ASP A 264 0.50 32.59 30.30
N ASP A 265 1.54 32.09 30.97
CA ASP A 265 2.57 32.94 31.61
C ASP A 265 3.52 33.48 30.55
N ILE A 266 4.01 34.71 30.75
CA ILE A 266 5.02 35.37 29.88
C ILE A 266 6.26 35.59 30.75
N VAL A 267 7.43 35.18 30.26
CA VAL A 267 8.69 35.09 31.06
C VAL A 267 9.77 36.00 30.48
N ASP A 268 10.49 36.66 31.37
CA ASP A 268 11.74 37.39 31.05
C ASP A 268 12.92 36.55 31.54
N SER A 269 13.88 36.32 30.67
CA SER A 269 15.12 35.58 30.96
C SER A 269 16.26 36.59 31.01
N LEU A 270 16.85 36.77 32.19
CA LEU A 270 17.90 37.80 32.47
C LEU A 270 19.22 37.08 32.76
N SER A 271 20.32 37.69 32.34
CA SER A 271 21.67 37.24 32.78
C SER A 271 22.60 38.43 33.00
N SER A 272 23.61 38.20 33.84
CA SER A 272 24.79 39.07 34.03
C SER A 272 26.00 38.18 34.27
N ARG A 273 27.18 38.64 33.87
CA ARG A 273 28.47 38.00 34.25
C ARG A 273 28.61 38.01 35.76
N GLU A 274 29.22 36.95 36.30
CA GLU A 274 29.52 36.72 37.75
C GLU A 274 31.03 36.55 37.90
N GLY A 291 40.14 31.87 29.87
CA GLY A 291 39.36 31.06 28.89
C GLY A 291 38.11 30.47 29.52
N GLU A 292 37.63 31.11 30.59
CA GLU A 292 36.47 30.63 31.39
C GLU A 292 35.64 31.86 31.73
N CYS A 293 34.31 31.75 31.74
CA CYS A 293 33.42 32.84 32.24
C CYS A 293 32.13 32.23 32.81
N GLN A 294 31.47 32.96 33.69
CA GLN A 294 30.32 32.53 34.51
C GLN A 294 29.25 33.61 34.43
N PHE A 295 27.98 33.17 34.38
CA PHE A 295 26.80 34.05 34.32
C PHE A 295 25.84 33.64 35.45
N LEU A 296 25.23 34.64 36.10
CA LEU A 296 24.00 34.49 36.90
C LEU A 296 22.82 34.64 35.97
N HIS A 297 21.76 33.91 36.26
CA HIS A 297 20.51 33.89 35.48
C HIS A 297 19.34 34.10 36.42
N PHE A 298 18.30 34.72 35.90
CA PHE A 298 17.02 34.91 36.63
C PHE A 298 15.89 34.84 35.63
N LEU A 299 14.95 33.93 35.86
CA LEU A 299 13.71 33.80 35.08
C LEU A 299 12.58 34.36 35.94
N LYS A 300 11.83 35.35 35.43
CA LYS A 300 10.78 36.02 36.21
C LYS A 300 9.57 36.29 35.30
N LEU A 301 8.38 36.35 35.89
CA LEU A 301 7.13 36.65 35.17
C LEU A 301 7.13 38.10 34.71
N SER A 302 6.78 38.33 33.44
CA SER A 302 6.72 39.67 32.81
C SER A 302 5.83 40.62 33.62
N GLY A 303 4.62 40.21 33.99
CA GLY A 303 3.69 41.11 34.69
C GLY A 303 4.15 41.40 36.11
N SER A 304 4.16 40.39 36.96
CA SER A 304 4.30 40.51 38.43
C SER A 304 5.76 40.72 38.85
N GLY A 305 6.72 40.31 38.01
CA GLY A 305 8.14 40.20 38.39
C GLY A 305 8.43 38.99 39.28
N LEU A 306 7.46 38.11 39.53
CA LEU A 306 7.67 36.94 40.45
C LEU A 306 8.73 35.99 39.87
N GLU A 307 9.65 35.55 40.72
CA GLU A 307 10.74 34.61 40.37
C GLU A 307 10.14 33.26 39.95
N ILE A 308 10.57 32.75 38.79
CA ILE A 308 10.29 31.35 38.34
C ILE A 308 11.46 30.48 38.78
N ASN A 309 12.67 30.86 38.37
CA ASN A 309 13.90 30.13 38.76
C ASN A 309 15.09 31.09 38.66
N ARG A 310 16.22 30.64 39.17
CA ARG A 310 17.50 31.37 39.06
C ARG A 310 18.55 30.33 38.69
N GLY A 311 19.67 30.77 38.12
CA GLY A 311 20.67 29.83 37.64
C GLY A 311 22.06 30.43 37.61
N ARG A 312 23.02 29.55 37.38
CA ARG A 312 24.44 29.87 37.10
C ARG A 312 24.88 28.97 35.93
N THR A 313 25.55 29.54 34.95
CA THR A 313 26.22 28.78 33.86
C THR A 313 27.70 29.13 33.87
N GLN A 314 28.54 28.12 33.63
CA GLN A 314 30.02 28.25 33.53
C GLN A 314 30.42 27.78 32.13
N TRP A 315 31.28 28.56 31.48
CA TRP A 315 31.62 28.41 30.04
C TRP A 315 33.13 28.23 29.89
N ARG A 316 33.53 27.48 28.86
CA ARG A 316 34.94 27.21 28.52
C ARG A 316 35.15 27.63 27.07
N ARG A 317 36.23 28.37 26.80
CA ARG A 317 36.57 28.82 25.42
C ARG A 317 36.88 27.59 24.59
N LEU A 318 36.36 27.54 23.38
CA LEU A 318 36.70 26.52 22.36
C LEU A 318 37.86 27.08 21.53
N ALA A 319 38.94 26.32 21.36
CA ALA A 319 40.15 26.81 20.66
C ALA A 319 40.10 26.40 19.20
N LYS A 320 39.19 25.48 18.85
CA LYS A 320 38.93 25.00 17.47
C LYS A 320 37.47 24.57 17.39
N GLY B 35 21.13 1.76 12.16
CA GLY B 35 20.50 1.62 10.83
C GLY B 35 21.45 1.08 9.79
N SER B 36 20.96 0.75 8.61
CA SER B 36 21.75 0.06 7.57
C SER B 36 21.02 0.12 6.22
N LEU B 37 21.79 0.27 5.13
CA LEU B 37 21.29 -0.01 3.77
C LEU B 37 20.72 -1.43 3.75
N GLU B 38 19.65 -1.65 2.99
CA GLU B 38 19.11 -2.99 2.65
C GLU B 38 20.09 -3.71 1.73
N PRO B 39 19.95 -5.05 1.55
CA PRO B 39 20.85 -5.81 0.69
C PRO B 39 21.05 -5.22 -0.72
N ASP B 40 19.98 -4.77 -1.38
CA ASP B 40 20.06 -4.22 -2.77
C ASP B 40 20.67 -2.80 -2.76
N GLY B 41 20.91 -2.19 -1.60
CA GLY B 41 21.53 -0.85 -1.47
C GLY B 41 20.63 0.31 -1.92
N LEU B 42 19.33 0.09 -2.17
CA LEU B 42 18.40 1.10 -2.75
C LEU B 42 17.38 1.60 -1.71
N SER B 43 17.47 1.17 -0.46
CA SER B 43 16.64 1.69 0.65
C SER B 43 17.41 1.51 1.95
N TYR B 44 16.96 2.19 3.01
CA TYR B 44 17.67 2.28 4.30
C TYR B 44 16.66 2.03 5.43
N LYS B 45 17.09 1.32 6.48
CA LYS B 45 16.19 0.94 7.59
C LYS B 45 16.88 1.29 8.90
N GLU B 46 16.10 1.81 9.86
CA GLU B 46 16.61 2.16 11.20
C GLU B 46 15.47 1.97 12.19
N SER B 47 15.81 1.47 13.38
CA SER B 47 14.85 1.25 14.48
C SER B 47 15.10 2.24 15.60
N PHE B 48 14.05 2.59 16.30
CA PHE B 48 14.05 3.54 17.46
C PHE B 48 13.16 2.97 18.56
N ILE B 49 13.57 3.19 19.80
CA ILE B 49 12.76 2.85 21.01
C ILE B 49 12.20 4.17 21.52
N VAL B 50 10.88 4.31 21.49
CA VAL B 50 10.21 5.59 21.83
C VAL B 50 10.54 5.92 23.29
N ARG B 51 10.95 7.16 23.54
CA ARG B 51 11.43 7.62 24.87
C ARG B 51 10.27 8.33 25.60
N SER B 52 10.28 8.30 26.92
CA SER B 52 9.23 8.90 27.77
C SER B 52 9.02 10.38 27.39
N TYR B 53 10.09 11.13 27.08
CA TYR B 53 9.96 12.58 26.82
C TYR B 53 9.45 12.82 25.39
N GLU B 54 9.40 11.79 24.54
CA GLU B 54 8.97 11.91 23.12
C GLU B 54 7.44 11.79 23.00
N VAL B 55 6.73 11.48 24.08
CA VAL B 55 5.24 11.32 24.04
C VAL B 55 4.62 12.61 24.57
N GLY B 56 3.41 12.92 24.06
CA GLY B 56 2.63 14.10 24.45
C GLY B 56 1.38 13.71 25.24
N VAL B 57 0.37 14.56 25.21
CA VAL B 57 -0.86 14.50 26.05
C VAL B 57 -1.58 13.18 25.82
N ASN B 58 -1.51 12.58 24.63
CA ASN B 58 -2.27 11.33 24.34
C ASN B 58 -1.41 10.12 24.72
N LYS B 59 -0.28 10.33 25.42
CA LYS B 59 0.57 9.24 25.97
C LYS B 59 1.16 8.39 24.84
N THR B 60 1.30 8.99 23.66
CA THR B 60 1.97 8.38 22.49
C THR B 60 2.88 9.44 21.88
N ALA B 61 3.80 9.02 21.01
CA ALA B 61 4.82 9.89 20.36
C ALA B 61 4.13 11.09 19.70
N THR B 62 4.69 12.27 19.88
CA THR B 62 4.20 13.52 19.28
C THR B 62 4.45 13.46 17.77
N VAL B 63 3.73 14.30 17.03
CA VAL B 63 3.96 14.53 15.58
C VAL B 63 5.42 14.99 15.41
N GLU B 64 5.93 15.82 16.32
CA GLU B 64 7.30 16.37 16.25
C GLU B 64 8.31 15.22 16.36
N THR B 65 8.09 14.27 17.26
CA THR B 65 8.98 13.09 17.39
C THR B 65 9.00 12.31 16.08
N ILE B 66 7.82 12.05 15.51
CA ILE B 66 7.72 11.29 14.24
C ILE B 66 8.54 12.04 13.18
N ALA B 67 8.34 13.34 13.02
CA ALA B 67 9.07 14.17 12.02
C ALA B 67 10.58 14.07 12.24
N ASN B 68 11.02 14.09 13.49
CA ASN B 68 12.46 14.00 13.87
C ASN B 68 13.02 12.64 13.44
N LEU B 69 12.29 11.56 13.69
CA LEU B 69 12.71 10.18 13.30
C LEU B 69 12.77 10.06 11.78
N LEU B 70 11.83 10.66 11.05
CA LEU B 70 11.85 10.66 9.56
C LEU B 70 13.11 11.36 9.07
N GLN B 71 13.44 12.53 9.65
CA GLN B 71 14.67 13.29 9.34
C GLN B 71 15.91 12.46 9.65
N GLU B 72 15.94 11.81 10.81
CA GLU B 72 17.12 11.04 11.29
C GLU B 72 17.43 9.91 10.29
N VAL B 73 16.45 9.08 9.93
CA VAL B 73 16.73 7.93 9.04
C VAL B 73 17.10 8.47 7.64
N GLY B 74 16.52 9.58 7.20
CA GLY B 74 16.91 10.22 5.92
C GLY B 74 18.36 10.68 5.92
N CYS B 75 18.82 11.26 7.02
CA CYS B 75 20.20 11.76 7.20
C CYS B 75 21.18 10.59 7.22
N ASN B 76 20.87 9.52 7.97
CA ASN B 76 21.72 8.30 8.02
C ASN B 76 21.80 7.67 6.63
N HIS B 77 20.72 7.71 5.85
CA HIS B 77 20.69 7.16 4.47
C HIS B 77 21.64 7.99 3.58
N ALA B 78 21.52 9.32 3.63
CA ALA B 78 22.41 10.23 2.86
C ALA B 78 23.87 9.91 3.20
N GLN B 79 24.18 9.73 4.47
CA GLN B 79 25.57 9.47 4.92
C GLN B 79 26.04 8.13 4.34
N SER B 80 25.17 7.12 4.29
CA SER B 80 25.51 5.74 3.86
C SER B 80 25.85 5.71 2.37
N VAL B 81 25.38 6.65 1.56
CA VAL B 81 25.64 6.67 0.09
C VAL B 81 26.64 7.78 -0.27
N GLY B 82 27.22 8.44 0.73
CA GLY B 82 28.32 9.40 0.54
C GLY B 82 27.86 10.81 0.19
N PHE B 83 26.57 11.16 0.38
CA PHE B 83 26.05 12.53 0.14
C PHE B 83 26.27 13.38 1.39
N SER B 84 26.06 14.70 1.30
CA SER B 84 26.20 15.63 2.44
C SER B 84 25.24 15.24 3.55
N THR B 85 25.62 15.52 4.79
CA THR B 85 24.82 15.23 6.01
C THR B 85 24.44 16.57 6.66
N ASP B 86 24.57 17.68 5.91
CA ASP B 86 24.34 19.05 6.38
C ASP B 86 22.86 19.44 6.25
N GLY B 87 22.00 18.54 5.77
CA GLY B 87 20.57 18.81 5.56
C GLY B 87 20.24 19.27 4.14
N PHE B 88 21.24 19.32 3.22
CA PHE B 88 21.01 19.59 1.77
C PHE B 88 21.20 18.33 0.92
N ALA B 89 21.73 17.27 1.52
CA ALA B 89 21.90 15.93 0.90
C ALA B 89 22.50 16.02 -0.50
N THR B 90 23.62 16.72 -0.68
CA THR B 90 24.18 17.06 -2.01
C THR B 90 25.13 15.97 -2.49
N THR B 91 25.26 15.88 -3.81
CA THR B 91 26.34 15.16 -4.54
C THR B 91 27.51 16.12 -4.78
N THR B 92 28.63 15.54 -5.21
CA THR B 92 29.86 16.28 -5.58
C THR B 92 29.50 17.39 -6.56
N THR B 93 28.85 17.03 -7.66
CA THR B 93 28.54 17.96 -8.78
C THR B 93 27.53 19.04 -8.32
N MET B 94 26.56 18.71 -7.48
CA MET B 94 25.63 19.77 -6.97
C MET B 94 26.46 20.82 -6.23
N ARG B 95 27.41 20.41 -5.40
CA ARG B 95 28.21 21.38 -4.59
C ARG B 95 29.04 22.26 -5.54
N LEU B 96 29.60 21.69 -6.62
CA LEU B 96 30.32 22.43 -7.69
C LEU B 96 29.40 23.49 -8.31
N LEU B 97 28.15 23.11 -8.60
CA LEU B 97 27.14 23.92 -9.34
C LEU B 97 26.37 24.84 -8.38
N ARG B 98 26.69 24.82 -7.08
CA ARG B 98 26.06 25.72 -6.07
C ARG B 98 24.57 25.37 -5.95
N LEU B 99 24.26 24.08 -6.02
CA LEU B 99 22.89 23.56 -5.89
C LEU B 99 22.71 22.83 -4.55
N ILE B 100 21.51 22.93 -3.97
CA ILE B 100 21.08 22.20 -2.73
C ILE B 100 19.67 21.65 -2.93
N TRP B 101 19.36 20.54 -2.25
CA TRP B 101 17.96 20.06 -2.18
C TRP B 101 17.22 20.89 -1.14
N VAL B 102 16.02 21.37 -1.47
CA VAL B 102 15.13 22.06 -0.50
C VAL B 102 13.73 21.44 -0.56
N THR B 103 12.98 21.49 0.54
CA THR B 103 11.65 20.85 0.60
C THR B 103 10.61 21.69 -0.16
N ALA B 104 9.85 21.05 -1.04
CA ALA B 104 8.63 21.64 -1.64
C ALA B 104 7.40 21.23 -0.82
N ARG B 105 7.32 19.95 -0.44
CA ARG B 105 6.15 19.40 0.26
C ARG B 105 6.60 18.30 1.21
N MET B 106 5.95 18.21 2.35
CA MET B 106 6.06 17.05 3.28
C MET B 106 4.65 16.55 3.58
N HIS B 107 4.44 15.25 3.53
CA HIS B 107 3.11 14.63 3.85
C HIS B 107 3.36 13.46 4.79
N ILE B 108 2.80 13.52 5.99
CA ILE B 108 2.88 12.42 6.98
C ILE B 108 1.47 11.89 7.26
N GLU B 109 1.32 10.57 7.27
CA GLU B 109 0.08 9.89 7.71
C GLU B 109 0.43 8.94 8.87
N ILE B 110 -0.22 9.10 10.02
CA ILE B 110 -0.06 8.21 11.20
C ILE B 110 -1.37 7.45 11.45
N TYR B 111 -1.32 6.12 11.38
CA TYR B 111 -2.47 5.21 11.64
C TYR B 111 -2.57 4.94 13.15
N LYS B 112 -1.42 4.75 13.80
CA LYS B 112 -1.32 4.51 15.25
C LYS B 112 0.00 5.10 15.76
N TYR B 113 -0.06 6.01 16.73
CA TYR B 113 1.14 6.58 17.38
C TYR B 113 1.71 5.53 18.32
N PRO B 114 3.04 5.28 18.28
CA PRO B 114 3.66 4.34 19.21
C PRO B 114 3.76 4.90 20.63
N ALA B 115 3.78 4.02 21.62
CA ALA B 115 3.85 4.38 23.05
C ALA B 115 5.31 4.37 23.49
N TRP B 116 5.56 4.92 24.68
CA TRP B 116 6.85 4.81 25.40
C TRP B 116 7.31 3.34 25.47
N GLY B 117 8.49 3.04 24.96
CA GLY B 117 9.03 1.66 24.99
C GLY B 117 8.73 0.86 23.74
N ASP B 118 7.81 1.31 22.89
CA ASP B 118 7.58 0.63 21.59
C ASP B 118 8.82 0.78 20.71
N VAL B 119 9.13 -0.26 19.96
CA VAL B 119 10.23 -0.25 18.96
C VAL B 119 9.57 -0.04 17.60
N VAL B 120 10.00 0.97 16.86
CA VAL B 120 9.50 1.25 15.50
C VAL B 120 10.66 1.13 14.53
N GLU B 121 10.37 0.61 13.35
CA GLU B 121 11.34 0.44 12.26
C GLU B 121 10.86 1.30 11.09
N ILE B 122 11.74 2.16 10.59
CA ILE B 122 11.41 3.09 9.48
C ILE B 122 12.30 2.72 8.31
N GLU B 123 11.68 2.39 7.18
CA GLU B 123 12.38 2.17 5.90
C GLU B 123 12.19 3.43 5.05
N THR B 124 13.24 3.91 4.40
CA THR B 124 13.17 5.13 3.57
C THR B 124 13.94 4.90 2.28
N TRP B 125 13.51 5.56 1.21
CA TRP B 125 14.15 5.49 -0.11
C TRP B 125 13.73 6.73 -0.88
N CYS B 126 14.47 7.03 -1.95
CA CYS B 126 14.21 8.16 -2.86
C CYS B 126 13.87 7.65 -4.26
N GLN B 127 13.22 8.50 -5.04
CA GLN B 127 12.77 8.22 -6.42
C GLN B 127 12.87 9.53 -7.19
N GLU B 128 13.17 9.46 -8.48
CA GLU B 128 13.05 10.60 -9.41
C GLU B 128 11.64 11.21 -9.32
N ASP B 129 11.52 12.54 -9.33
CA ASP B 129 10.20 13.24 -9.39
C ASP B 129 10.26 14.30 -10.48
N GLY B 130 10.28 13.92 -11.75
CA GLY B 130 10.63 14.83 -12.87
C GLY B 130 12.10 15.26 -12.80
N LYS B 131 12.51 16.14 -13.71
CA LYS B 131 13.94 16.52 -13.93
C LYS B 131 14.41 17.45 -12.80
N ILE B 132 13.47 18.23 -12.25
CA ILE B 132 13.77 19.26 -11.22
C ILE B 132 13.85 18.60 -9.83
N GLY B 133 13.22 17.42 -9.63
CA GLY B 133 12.87 16.96 -8.28
C GLY B 133 13.20 15.52 -7.93
N THR B 134 13.14 15.23 -6.64
CA THR B 134 13.17 13.87 -6.04
C THR B 134 12.04 13.76 -5.02
N ARG B 135 11.62 12.53 -4.77
CA ARG B 135 10.67 12.11 -3.72
C ARG B 135 11.45 11.31 -2.69
N ARG B 136 11.24 11.56 -1.40
CA ARG B 136 11.67 10.63 -0.35
C ARG B 136 10.42 10.06 0.29
N ASP B 137 10.35 8.73 0.36
CA ASP B 137 9.23 8.01 1.00
C ASP B 137 9.74 7.35 2.28
N TRP B 138 8.82 7.13 3.23
CA TRP B 138 9.10 6.36 4.45
C TRP B 138 7.90 5.44 4.74
N ILE B 139 8.18 4.26 5.28
CA ILE B 139 7.17 3.38 5.91
C ILE B 139 7.58 3.14 7.36
N ILE B 140 6.66 3.37 8.29
CA ILE B 140 6.87 3.20 9.75
C ILE B 140 6.15 1.92 10.17
N LYS B 141 6.89 0.95 10.70
CA LYS B 141 6.31 -0.31 11.23
C LYS B 141 6.48 -0.37 12.75
N ASP B 142 5.50 -0.95 13.41
CA ASP B 142 5.68 -1.51 14.78
C ASP B 142 6.61 -2.71 14.61
N TYR B 143 7.83 -2.64 15.15
CA TYR B 143 8.87 -3.67 14.97
C TYR B 143 8.37 -5.01 15.49
N SER B 144 7.63 -5.01 16.59
CA SER B 144 7.21 -6.26 17.28
C SER B 144 6.22 -7.03 16.40
N THR B 145 5.23 -6.37 15.80
CA THR B 145 4.16 -7.02 15.00
C THR B 145 4.45 -7.01 13.50
N GLY B 146 5.30 -6.09 13.01
CA GLY B 146 5.52 -5.91 11.57
C GLY B 146 4.38 -5.14 10.92
N VAL B 147 3.43 -4.62 11.68
CA VAL B 147 2.26 -3.87 11.13
C VAL B 147 2.71 -2.44 10.75
N VAL B 148 2.27 -1.94 9.59
CA VAL B 148 2.49 -0.52 9.18
C VAL B 148 1.62 0.38 10.07
N ILE B 149 2.25 1.29 10.81
CA ILE B 149 1.54 2.27 11.70
C ILE B 149 1.61 3.68 11.11
N GLY B 150 2.33 3.86 10.01
CA GLY B 150 2.42 5.20 9.38
C GLY B 150 3.24 5.18 8.11
N ARG B 151 3.09 6.24 7.33
CA ARG B 151 3.84 6.41 6.08
C ARG B 151 3.98 7.90 5.81
N ALA B 152 4.97 8.25 5.00
CA ALA B 152 5.30 9.65 4.69
C ALA B 152 5.93 9.73 3.32
N THR B 153 5.75 10.88 2.71
CA THR B 153 6.38 11.21 1.42
C THR B 153 6.70 12.71 1.41
N SER B 154 7.70 13.08 0.62
CA SER B 154 8.23 14.45 0.56
C SER B 154 8.67 14.71 -0.88
N LYS B 155 8.47 15.91 -1.38
CA LYS B 155 9.01 16.41 -2.67
C LYS B 155 10.13 17.42 -2.37
N TRP B 156 11.27 17.19 -3.00
CA TRP B 156 12.49 18.04 -2.94
C TRP B 156 12.77 18.58 -4.33
N VAL B 157 13.22 19.81 -4.40
CA VAL B 157 13.59 20.48 -5.67
C VAL B 157 15.02 20.97 -5.51
N MET B 158 15.70 21.06 -6.64
CA MET B 158 17.09 21.54 -6.71
C MET B 158 17.04 23.04 -6.89
N MET B 159 17.67 23.75 -5.95
CA MET B 159 17.68 25.23 -5.87
C MET B 159 19.14 25.68 -5.95
N ASN B 160 19.40 26.71 -6.75
CA ASN B 160 20.67 27.47 -6.72
C ASN B 160 20.72 28.23 -5.39
N GLN B 161 21.75 27.99 -4.57
CA GLN B 161 21.85 28.58 -3.19
C GLN B 161 22.03 30.09 -3.24
N ASP B 162 22.49 30.65 -4.36
CA ASP B 162 22.77 32.11 -4.52
C ASP B 162 21.51 32.82 -5.04
N THR B 163 20.73 32.21 -5.91
CA THR B 163 19.60 32.89 -6.61
C THR B 163 18.25 32.48 -5.97
N ARG B 164 18.21 31.39 -5.21
CA ARG B 164 16.98 30.78 -4.65
C ARG B 164 16.03 30.29 -5.76
N ARG B 165 16.49 30.29 -7.00
CA ARG B 165 15.69 29.80 -8.15
C ARG B 165 15.85 28.29 -8.28
N LEU B 166 14.77 27.56 -8.54
CA LEU B 166 14.84 26.16 -9.09
C LEU B 166 15.80 26.10 -10.30
N GLN B 167 16.75 25.16 -10.33
CA GLN B 167 17.71 25.02 -11.47
C GLN B 167 17.76 23.54 -11.88
N ARG B 168 17.43 23.26 -13.14
CA ARG B 168 17.52 21.89 -13.75
C ARG B 168 18.98 21.65 -14.12
N VAL B 169 19.48 20.43 -13.96
CA VAL B 169 20.83 20.00 -14.42
C VAL B 169 20.67 18.84 -15.41
N ASN B 170 21.74 18.54 -16.15
CA ASN B 170 21.72 17.50 -17.22
C ASN B 170 21.51 16.12 -16.56
N ASP B 171 21.20 15.10 -17.35
CA ASP B 171 20.87 13.73 -16.87
C ASP B 171 22.11 13.10 -16.24
N GLU B 172 23.30 13.48 -16.72
CA GLU B 172 24.60 12.95 -16.21
C GLU B 172 24.79 13.41 -14.75
N VAL B 173 24.43 14.62 -14.37
CA VAL B 173 24.46 15.07 -12.94
C VAL B 173 23.40 14.29 -12.14
N ARG B 174 22.22 14.11 -12.70
CA ARG B 174 21.07 13.42 -12.02
C ARG B 174 21.43 11.95 -11.76
N GLU B 175 22.20 11.33 -12.65
CA GLU B 175 22.58 9.89 -12.56
C GLU B 175 23.40 9.65 -11.29
N GLU B 176 24.17 10.63 -10.81
CA GLU B 176 24.93 10.56 -9.53
C GLU B 176 24.03 10.12 -8.35
N TYR B 177 22.78 10.56 -8.29
CA TYR B 177 21.84 10.20 -7.18
C TYR B 177 20.85 9.12 -7.61
N LEU B 178 20.42 9.12 -8.89
CA LEU B 178 19.39 8.19 -9.40
C LEU B 178 19.89 6.73 -9.24
N ILE B 179 21.20 6.53 -9.23
CA ILE B 179 21.90 5.23 -9.01
C ILE B 179 21.64 4.69 -7.61
N PHE B 180 21.22 5.52 -6.65
CA PHE B 180 20.91 5.10 -5.27
C PHE B 180 19.38 5.01 -5.03
N CYS B 181 18.59 5.07 -6.10
CA CYS B 181 17.11 4.98 -6.09
C CYS B 181 16.66 3.71 -6.82
N PRO B 182 15.58 3.04 -6.36
CA PRO B 182 15.00 1.93 -7.12
C PRO B 182 14.69 2.37 -8.55
N ARG B 183 14.86 1.46 -9.51
CA ARG B 183 14.69 1.70 -10.97
C ARG B 183 13.19 1.69 -11.24
N THR B 184 12.51 0.66 -10.74
CA THR B 184 11.04 0.47 -10.72
C THR B 184 10.48 1.30 -9.57
N PRO B 185 9.51 2.20 -9.83
CA PRO B 185 8.86 2.98 -8.78
C PRO B 185 8.42 2.15 -7.58
N ARG B 186 8.87 2.51 -6.36
CA ARG B 186 8.25 2.08 -5.08
C ARG B 186 7.55 3.31 -4.50
N LEU B 187 6.23 3.24 -4.30
CA LEU B 187 5.42 4.33 -3.70
C LEU B 187 4.95 3.89 -2.32
N ALA B 188 5.20 4.66 -1.27
CA ALA B 188 4.47 4.48 0.01
C ALA B 188 3.00 4.88 -0.18
N PHE B 189 2.70 5.71 -1.18
CA PHE B 189 1.31 6.17 -1.48
C PHE B 189 0.95 5.76 -2.90
N PRO B 190 0.71 4.44 -3.14
CA PRO B 190 0.43 3.95 -4.49
C PRO B 190 -1.01 4.21 -4.96
N GLU B 191 -1.89 4.67 -4.06
CA GLU B 191 -3.33 4.85 -4.40
C GLU B 191 -3.49 5.98 -5.42
N GLU B 192 -4.59 5.92 -6.17
CA GLU B 192 -4.78 6.62 -7.47
C GLU B 192 -4.75 8.14 -7.32
N ASP B 193 -5.57 8.71 -6.42
CA ASP B 193 -5.70 10.17 -6.26
C ASP B 193 -5.28 10.52 -4.83
N SER B 194 -4.03 10.22 -4.47
CA SER B 194 -3.51 10.25 -3.08
C SER B 194 -3.73 11.63 -2.47
N ASP B 195 -4.18 11.69 -1.22
CA ASP B 195 -4.22 12.94 -0.42
C ASP B 195 -2.81 13.59 -0.42
N SER B 196 -1.77 12.78 -0.54
CA SER B 196 -0.37 13.24 -0.47
C SER B 196 -0.03 14.16 -1.67
N LEU B 197 -0.79 14.10 -2.77
CA LEU B 197 -0.55 14.94 -3.98
C LEU B 197 -1.65 16.01 -4.14
N LYS B 198 -2.61 16.07 -3.22
CA LYS B 198 -3.74 17.02 -3.28
C LYS B 198 -3.22 18.46 -3.07
N LYS B 199 -3.63 19.39 -3.93
CA LYS B 199 -3.28 20.83 -3.83
C LYS B 199 -3.89 21.40 -2.54
N ILE B 200 -3.20 22.38 -1.97
CA ILE B 200 -3.65 23.12 -0.78
C ILE B 200 -4.03 24.53 -1.22
N PRO B 201 -5.31 24.93 -1.13
CA PRO B 201 -5.71 26.31 -1.39
C PRO B 201 -5.26 27.22 -0.24
N LYS B 202 -5.26 28.52 -0.52
CA LYS B 202 -4.97 29.59 0.46
C LYS B 202 -6.26 29.86 1.24
N LEU B 203 -6.25 29.69 2.57
CA LEU B 203 -7.49 29.98 3.36
C LEU B 203 -7.77 31.50 3.30
N GLU B 204 -9.04 31.89 3.35
CA GLU B 204 -9.47 33.31 3.33
C GLU B 204 -9.50 33.83 4.78
N GLU B 205 -8.93 35.02 5.01
CA GLU B 205 -8.98 35.71 6.32
C GLU B 205 -10.34 36.41 6.45
N PRO B 206 -10.87 36.61 7.68
CA PRO B 206 -10.24 36.10 8.90
C PRO B 206 -10.29 34.57 9.05
N ALA B 207 -9.18 34.00 9.47
CA ALA B 207 -9.03 32.59 9.86
C ALA B 207 -9.92 32.30 11.08
N GLN B 208 -10.47 31.09 11.16
CA GLN B 208 -11.33 30.68 12.30
C GLN B 208 -10.47 30.56 13.56
N SER B 209 -9.22 30.18 13.41
CA SER B 209 -8.29 29.99 14.54
C SER B 209 -6.92 30.56 14.17
N SER B 210 -6.24 31.22 15.10
CA SER B 210 -4.95 31.89 14.82
C SER B 210 -4.13 32.05 16.09
N LYS B 211 -2.81 31.97 15.91
CA LYS B 211 -1.77 32.32 16.90
C LYS B 211 -0.90 33.39 16.22
N LEU B 212 -0.99 34.64 16.69
CA LEU B 212 -0.26 35.77 16.05
C LEU B 212 1.08 36.01 16.75
N GLY B 213 2.06 36.47 15.98
CA GLY B 213 3.32 37.04 16.52
C GLY B 213 4.22 35.99 17.12
N LEU B 214 4.30 34.81 16.51
CA LEU B 214 5.19 33.72 16.98
C LEU B 214 6.63 34.09 16.63
N VAL B 215 7.58 33.90 17.56
CA VAL B 215 9.01 34.24 17.36
C VAL B 215 9.84 32.99 17.57
N PRO B 216 10.72 32.63 16.61
CA PRO B 216 11.59 31.48 16.79
C PRO B 216 12.61 31.76 17.91
N ARG B 217 12.95 30.70 18.65
CA ARG B 217 14.02 30.67 19.68
C ARG B 217 15.33 30.22 19.01
N ARG B 218 16.47 30.53 19.63
CA ARG B 218 17.77 29.97 19.19
C ARG B 218 17.66 28.46 18.99
N ALA B 219 17.01 27.78 19.94
CA ALA B 219 16.82 26.33 19.94
C ALA B 219 15.99 25.86 18.74
N ASP B 220 15.28 26.75 18.03
CA ASP B 220 14.44 26.40 16.84
C ASP B 220 15.25 26.48 15.53
N LEU B 221 16.50 26.95 15.56
CA LEU B 221 17.28 27.22 14.31
C LEU B 221 18.10 25.98 13.94
N ASP B 222 18.09 25.62 12.64
CA ASP B 222 18.98 24.59 12.05
C ASP B 222 20.40 25.17 11.96
N MET B 223 21.38 24.34 11.57
CA MET B 223 22.83 24.69 11.53
C MET B 223 23.09 25.73 10.44
N ASN B 224 22.04 26.36 9.89
CA ASN B 224 22.12 27.42 8.85
C ASN B 224 21.19 28.59 9.22
N GLN B 225 20.77 28.68 10.50
CA GLN B 225 20.07 29.85 11.10
C GLN B 225 18.64 29.96 10.56
N HIS B 226 18.09 28.87 9.99
CA HIS B 226 16.69 28.79 9.51
C HIS B 226 15.88 27.98 10.52
N VAL B 227 14.63 28.39 10.75
CA VAL B 227 13.65 27.65 11.58
C VAL B 227 13.61 26.21 11.04
N ASN B 228 13.79 25.22 11.91
CA ASN B 228 13.79 23.78 11.55
C ASN B 228 12.35 23.32 11.34
N ASN B 229 12.17 22.12 10.78
CA ASN B 229 10.85 21.60 10.31
C ASN B 229 9.91 21.37 11.51
N VAL B 230 10.44 20.85 12.61
CA VAL B 230 9.68 20.56 13.84
C VAL B 230 9.07 21.84 14.38
N THR B 231 9.74 22.98 14.22
CA THR B 231 9.22 24.29 14.69
C THR B 231 8.00 24.65 13.82
N TYR B 232 8.04 24.42 12.50
CA TYR B 232 6.89 24.71 11.60
C TYR B 232 5.69 23.85 12.02
N ILE B 233 5.95 22.57 12.27
CA ILE B 233 4.91 21.60 12.69
C ILE B 233 4.28 22.12 13.99
N GLY B 234 5.08 22.48 14.98
CA GLY B 234 4.63 23.06 16.26
C GLY B 234 3.76 24.29 16.00
N TRP B 235 4.22 25.21 15.15
CA TRP B 235 3.48 26.43 14.79
C TRP B 235 2.14 26.09 14.15
N VAL B 236 2.12 25.09 13.27
CA VAL B 236 0.86 24.67 12.59
C VAL B 236 -0.11 24.20 13.67
N LEU B 237 0.35 23.38 14.60
CA LEU B 237 -0.50 22.78 15.66
C LEU B 237 -0.95 23.87 16.65
N GLU B 238 -0.17 24.93 16.86
CA GLU B 238 -0.61 26.08 17.71
C GLU B 238 -1.93 26.65 17.21
N SER B 239 -2.19 26.61 15.90
CA SER B 239 -3.41 27.21 15.28
C SER B 239 -4.64 26.32 15.48
N ILE B 240 -4.52 25.11 16.02
CA ILE B 240 -5.66 24.18 16.20
C ILE B 240 -6.38 24.55 17.49
N PRO B 241 -7.71 24.68 17.48
CA PRO B 241 -8.46 24.92 18.73
C PRO B 241 -8.20 23.86 19.82
N GLN B 242 -8.03 24.27 21.08
CA GLN B 242 -7.79 23.37 22.25
C GLN B 242 -8.87 22.27 22.29
N GLU B 243 -10.10 22.62 21.97
CA GLU B 243 -11.26 21.69 22.01
C GLU B 243 -10.94 20.50 21.08
N ILE B 244 -10.30 20.76 19.94
CA ILE B 244 -9.89 19.70 18.97
C ILE B 244 -8.75 18.87 19.57
N ILE B 245 -7.74 19.52 20.12
CA ILE B 245 -6.58 18.84 20.76
C ILE B 245 -7.12 17.90 21.85
N ASP B 246 -8.16 18.31 22.57
CA ASP B 246 -8.71 17.56 23.74
C ASP B 246 -9.51 16.34 23.29
N THR B 247 -10.01 16.30 22.06
CA THR B 247 -10.99 15.27 21.61
C THR B 247 -10.50 14.48 20.39
N HIS B 248 -9.46 14.94 19.69
CA HIS B 248 -8.98 14.36 18.41
C HIS B 248 -7.46 14.17 18.43
N GLU B 249 -6.95 13.32 17.54
CA GLU B 249 -5.50 13.28 17.23
C GLU B 249 -5.29 13.37 15.72
N LEU B 250 -4.09 13.78 15.36
CA LEU B 250 -3.74 14.11 13.96
C LEU B 250 -3.53 12.81 13.20
N GLN B 251 -4.23 12.62 12.09
CA GLN B 251 -3.97 11.46 11.20
C GLN B 251 -3.03 11.87 10.06
N THR B 252 -3.20 13.02 9.44
CA THR B 252 -2.31 13.46 8.34
C THR B 252 -1.96 14.95 8.51
N ILE B 253 -0.75 15.30 8.11
CA ILE B 253 -0.30 16.71 7.94
C ILE B 253 0.41 16.80 6.60
N THR B 254 0.09 17.84 5.85
CA THR B 254 0.68 18.18 4.54
C THR B 254 1.16 19.64 4.65
N LEU B 255 2.43 19.92 4.38
CA LEU B 255 2.97 21.30 4.34
C LEU B 255 3.54 21.52 2.94
N ASP B 256 3.15 22.63 2.28
CA ASP B 256 3.87 23.17 1.09
C ASP B 256 4.71 24.33 1.57
N TYR B 257 6.02 24.30 1.31
CA TYR B 257 6.96 25.34 1.80
C TYR B 257 7.16 26.34 0.67
N ARG B 258 7.15 27.63 1.01
CA ARG B 258 7.43 28.72 0.07
C ARG B 258 8.75 29.41 0.45
N ARG B 259 8.96 29.71 1.73
CA ARG B 259 10.08 30.55 2.22
C ARG B 259 10.62 29.98 3.52
N GLU B 260 11.85 30.33 3.83
CA GLU B 260 12.44 30.06 5.16
C GLU B 260 12.08 31.21 6.09
N CYS B 261 11.88 30.89 7.36
CA CYS B 261 11.73 31.87 8.45
C CYS B 261 13.13 32.15 9.02
N GLN B 262 13.50 33.43 9.08
CA GLN B 262 14.81 33.93 9.60
C GLN B 262 14.70 34.13 11.12
N HIS B 263 15.84 34.22 11.81
CA HIS B 263 15.94 34.40 13.29
C HIS B 263 15.09 35.58 13.75
N ASP B 264 14.97 36.64 12.96
CA ASP B 264 14.31 37.91 13.37
C ASP B 264 12.91 38.02 12.76
N ASP B 265 12.41 36.96 12.11
CA ASP B 265 11.05 36.97 11.49
C ASP B 265 10.00 36.78 12.58
N ILE B 266 8.84 37.43 12.41
CA ILE B 266 7.65 37.25 13.30
C ILE B 266 6.55 36.63 12.46
N VAL B 267 5.94 35.54 12.93
CA VAL B 267 5.03 34.68 12.12
C VAL B 267 3.63 34.64 12.73
N ASP B 268 2.62 34.69 11.87
CA ASP B 268 1.20 34.42 12.22
C ASP B 268 0.85 33.03 11.68
N SER B 269 0.29 32.17 12.55
CA SER B 269 -0.15 30.81 12.21
C SER B 269 -1.68 30.80 12.20
N LEU B 270 -2.27 30.60 11.04
CA LEU B 270 -3.74 30.64 10.81
C LEU B 270 -4.27 29.25 10.46
N SER B 271 -5.49 28.94 10.90
CA SER B 271 -6.22 27.75 10.41
C SER B 271 -7.72 28.04 10.27
N SER B 272 -8.37 27.31 9.38
CA SER B 272 -9.85 27.23 9.22
C SER B 272 -10.22 25.78 8.88
N ARG B 273 -11.41 25.34 9.29
CA ARG B 273 -11.98 24.04 8.86
C ARG B 273 -12.14 24.09 7.33
N GLU B 274 -11.81 22.99 6.65
CA GLU B 274 -11.96 22.75 5.20
C GLU B 274 -13.05 21.68 5.03
N CYS B 293 -12.29 15.45 11.06
CA CYS B 293 -12.34 16.85 10.60
C CYS B 293 -10.99 17.26 9.99
N GLN B 294 -11.03 18.27 9.11
CA GLN B 294 -9.89 18.73 8.28
C GLN B 294 -9.75 20.25 8.43
N PHE B 295 -8.51 20.73 8.47
CA PHE B 295 -8.14 22.16 8.58
C PHE B 295 -7.18 22.52 7.44
N LEU B 296 -7.38 23.70 6.86
CA LEU B 296 -6.37 24.42 6.07
C LEU B 296 -5.53 25.25 7.04
N HIS B 297 -4.25 25.40 6.71
CA HIS B 297 -3.26 26.16 7.51
C HIS B 297 -2.53 27.14 6.59
N PHE B 298 -2.11 28.26 7.16
CA PHE B 298 -1.33 29.29 6.45
C PHE B 298 -0.42 29.97 7.48
N LEU B 299 0.89 29.91 7.21
CA LEU B 299 1.94 30.58 8.01
C LEU B 299 2.43 31.78 7.20
N LYS B 300 2.38 32.98 7.78
CA LYS B 300 2.68 34.22 7.02
C LYS B 300 3.42 35.18 7.94
N LEU B 301 4.28 36.02 7.35
CA LEU B 301 5.08 37.03 8.07
C LEU B 301 4.14 38.13 8.58
N SER B 302 4.33 38.52 9.83
CA SER B 302 3.51 39.53 10.52
C SER B 302 3.49 40.85 9.74
N GLY B 303 4.64 41.38 9.32
CA GLY B 303 4.66 42.70 8.65
C GLY B 303 4.00 42.66 7.27
N SER B 304 4.65 41.92 6.38
CA SER B 304 4.43 41.92 4.92
C SER B 304 3.20 41.10 4.53
N GLY B 305 2.78 40.13 5.35
CA GLY B 305 1.81 39.09 4.99
C GLY B 305 2.38 38.04 4.04
N LEU B 306 3.69 38.03 3.77
CA LEU B 306 4.32 37.06 2.83
C LEU B 306 4.16 35.64 3.37
N GLU B 307 3.77 34.72 2.48
CA GLU B 307 3.54 33.29 2.79
C GLU B 307 4.89 32.65 3.16
N ILE B 308 4.93 31.92 4.28
CA ILE B 308 6.06 31.05 4.68
C ILE B 308 5.75 29.62 4.21
N ASN B 309 4.58 29.13 4.61
CA ASN B 309 4.07 27.80 4.18
C ASN B 309 2.55 27.79 4.26
N ARG B 310 1.94 26.77 3.68
CA ARG B 310 0.50 26.46 3.82
C ARG B 310 0.41 24.98 4.10
N GLY B 311 -0.72 24.52 4.63
CA GLY B 311 -0.84 23.14 5.12
C GLY B 311 -2.27 22.68 5.17
N ARG B 312 -2.42 21.36 5.37
CA ARG B 312 -3.69 20.66 5.62
C ARG B 312 -3.44 19.65 6.73
N THR B 313 -4.33 19.59 7.74
CA THR B 313 -4.30 18.54 8.78
C THR B 313 -5.66 17.84 8.77
N GLN B 314 -5.65 16.53 8.95
CA GLN B 314 -6.84 15.66 9.08
C GLN B 314 -6.77 15.00 10.45
N TRP B 315 -7.90 14.99 11.17
CA TRP B 315 -8.00 14.60 12.58
C TRP B 315 -9.02 13.47 12.73
N ARG B 316 -8.77 12.57 13.68
CA ARG B 316 -9.66 11.44 14.05
C ARG B 316 -9.97 11.56 15.54
N ARG B 317 -11.21 11.33 15.94
CA ARG B 317 -11.66 11.29 17.35
C ARG B 317 -10.79 10.28 18.11
N LEU B 318 -10.40 10.62 19.33
CA LEU B 318 -9.65 9.74 20.26
C LEU B 318 -10.52 8.55 20.72
N GLY C 35 -18.25 0.92 -17.50
CA GLY C 35 -19.50 1.18 -16.70
C GLY C 35 -19.37 2.49 -15.92
N SER C 36 -20.20 2.71 -14.91
CA SER C 36 -20.24 3.99 -14.18
C SER C 36 -20.99 3.83 -12.85
N LEU C 37 -20.53 4.50 -11.80
CA LEU C 37 -21.32 4.71 -10.57
C LEU C 37 -22.64 5.38 -11.00
N GLU C 38 -23.72 5.05 -10.32
CA GLU C 38 -25.02 5.75 -10.41
C GLU C 38 -24.88 7.14 -9.79
N PRO C 39 -25.81 8.08 -10.08
CA PRO C 39 -25.71 9.44 -9.53
C PRO C 39 -25.49 9.50 -8.02
N ASP C 40 -26.19 8.68 -7.22
CA ASP C 40 -26.08 8.69 -5.74
C ASP C 40 -24.75 8.06 -5.27
N GLY C 41 -23.96 7.47 -6.17
CA GLY C 41 -22.65 6.84 -5.84
C GLY C 41 -22.73 5.54 -5.04
N LEU C 42 -23.92 4.94 -4.88
CA LEU C 42 -24.13 3.76 -3.98
C LEU C 42 -24.38 2.46 -4.77
N SER C 43 -24.35 2.51 -6.10
CA SER C 43 -24.42 1.31 -6.95
C SER C 43 -23.70 1.60 -8.26
N TYR C 44 -23.40 0.55 -9.02
CA TYR C 44 -22.57 0.62 -10.24
C TYR C 44 -23.27 -0.13 -11.39
N LYS C 45 -23.19 0.37 -12.61
CA LYS C 45 -23.87 -0.22 -13.79
C LYS C 45 -22.87 -0.39 -14.92
N GLU C 46 -22.95 -1.51 -15.63
CA GLU C 46 -22.08 -1.79 -16.80
C GLU C 46 -22.88 -2.63 -17.77
N SER C 47 -22.70 -2.35 -19.06
CA SER C 47 -23.36 -3.08 -20.17
C SER C 47 -22.34 -3.93 -20.92
N PHE C 48 -22.79 -5.04 -21.46
CA PHE C 48 -21.98 -5.99 -22.25
C PHE C 48 -22.78 -6.44 -23.47
N ILE C 49 -22.10 -6.66 -24.58
CA ILE C 49 -22.67 -7.23 -25.82
C ILE C 49 -22.22 -8.68 -25.87
N VAL C 50 -23.16 -9.61 -25.81
CA VAL C 50 -22.84 -11.06 -25.74
C VAL C 50 -22.12 -11.43 -27.04
N ARG C 51 -21.01 -12.15 -26.92
CA ARG C 51 -20.09 -12.50 -28.02
C ARG C 51 -20.39 -13.92 -28.48
N SER C 52 -20.14 -14.22 -29.75
CA SER C 52 -20.42 -15.53 -30.38
C SER C 52 -19.80 -16.65 -29.55
N TYR C 53 -18.61 -16.46 -29.02
CA TYR C 53 -17.87 -17.54 -28.31
C TYR C 53 -18.38 -17.68 -26.87
N GLU C 54 -19.22 -16.75 -26.38
CA GLU C 54 -19.72 -16.77 -24.98
C GLU C 54 -21.00 -17.62 -24.87
N VAL C 55 -21.54 -18.12 -25.98
CA VAL C 55 -22.80 -18.92 -25.98
C VAL C 55 -22.44 -20.39 -26.09
N GLY C 56 -23.27 -21.25 -25.49
CA GLY C 56 -23.11 -22.72 -25.49
C GLY C 56 -24.22 -23.39 -26.28
N VAL C 57 -24.54 -24.63 -25.90
CA VAL C 57 -25.44 -25.55 -26.65
C VAL C 57 -26.83 -24.93 -26.83
N ASN C 58 -27.30 -24.11 -25.88
CA ASN C 58 -28.68 -23.57 -25.96
C ASN C 58 -28.67 -22.28 -26.80
N LYS C 59 -27.55 -21.94 -27.44
CA LYS C 59 -27.42 -20.75 -28.33
C LYS C 59 -27.60 -19.47 -27.52
N THR C 60 -27.32 -19.54 -26.23
CA THR C 60 -27.37 -18.39 -25.31
C THR C 60 -26.13 -18.46 -24.42
N ALA C 61 -25.82 -17.34 -23.75
CA ALA C 61 -24.62 -17.18 -22.89
C ALA C 61 -24.58 -18.33 -21.86
N THR C 62 -23.40 -18.89 -21.66
CA THR C 62 -23.14 -19.97 -20.70
C THR C 62 -23.26 -19.38 -19.28
N VAL C 63 -23.47 -20.26 -18.31
CA VAL C 63 -23.42 -19.91 -16.86
C VAL C 63 -22.05 -19.27 -16.58
N GLU C 64 -20.98 -19.81 -17.18
CA GLU C 64 -19.60 -19.31 -16.97
C GLU C 64 -19.50 -17.86 -17.44
N THR C 65 -20.06 -17.54 -18.60
CA THR C 65 -20.06 -16.14 -19.11
C THR C 65 -20.78 -15.23 -18.11
N ILE C 66 -21.96 -15.63 -17.64
CA ILE C 66 -22.74 -14.80 -16.68
C ILE C 66 -21.85 -14.55 -15.44
N ALA C 67 -21.25 -15.60 -14.87
CA ALA C 67 -20.39 -15.48 -13.66
C ALA C 67 -19.24 -14.50 -13.92
N ASN C 68 -18.66 -14.55 -15.12
CA ASN C 68 -17.53 -13.67 -15.53
C ASN C 68 -17.99 -12.20 -15.55
N LEU C 69 -19.17 -11.94 -16.12
CA LEU C 69 -19.76 -10.58 -16.19
C LEU C 69 -20.07 -10.07 -14.78
N LEU C 70 -20.58 -10.92 -13.88
CA LEU C 70 -20.84 -10.53 -12.48
C LEU C 70 -19.52 -10.10 -11.81
N GLN C 71 -18.44 -10.88 -12.01
CA GLN C 71 -17.09 -10.58 -11.48
C GLN C 71 -16.58 -9.24 -12.06
N GLU C 72 -16.74 -9.05 -13.36
CA GLU C 72 -16.25 -7.84 -14.08
C GLU C 72 -16.90 -6.58 -13.48
N VAL C 73 -18.23 -6.53 -13.41
CA VAL C 73 -18.90 -5.28 -12.92
C VAL C 73 -18.55 -5.09 -11.44
N GLY C 74 -18.40 -6.16 -10.65
CA GLY C 74 -17.96 -6.04 -9.24
C GLY C 74 -16.57 -5.41 -9.12
N CYS C 75 -15.64 -5.81 -9.96
CA CYS C 75 -14.24 -5.31 -9.99
C CYS C 75 -14.23 -3.83 -10.41
N ASN C 76 -14.96 -3.46 -11.46
CA ASN C 76 -15.07 -2.05 -11.91
C ASN C 76 -15.68 -1.19 -10.80
N HIS C 77 -16.63 -1.72 -10.03
CA HIS C 77 -17.27 -0.99 -8.91
C HIS C 77 -16.22 -0.76 -7.81
N ALA C 78 -15.49 -1.80 -7.42
CA ALA C 78 -14.40 -1.70 -6.42
C ALA C 78 -13.43 -0.59 -6.86
N GLN C 79 -13.03 -0.59 -8.13
CA GLN C 79 -12.07 0.40 -8.64
C GLN C 79 -12.65 1.82 -8.49
N SER C 80 -13.95 1.99 -8.76
CA SER C 80 -14.62 3.32 -8.80
C SER C 80 -14.68 3.94 -7.40
N VAL C 81 -14.63 3.14 -6.34
CA VAL C 81 -14.71 3.65 -4.94
C VAL C 81 -13.34 3.58 -4.25
N GLY C 82 -12.29 3.24 -4.98
CA GLY C 82 -10.90 3.29 -4.50
C GLY C 82 -10.48 2.07 -3.72
N PHE C 83 -11.19 0.93 -3.81
CA PHE C 83 -10.76 -0.34 -3.16
C PHE C 83 -9.81 -1.08 -4.10
N SER C 84 -9.12 -2.10 -3.62
CA SER C 84 -8.18 -2.90 -4.44
C SER C 84 -8.93 -3.52 -5.63
N THR C 85 -8.22 -3.75 -6.72
CA THR C 85 -8.73 -4.36 -7.97
C THR C 85 -8.01 -5.70 -8.19
N ASP C 86 -7.42 -6.25 -7.13
CA ASP C 86 -6.64 -7.52 -7.16
C ASP C 86 -7.57 -8.72 -6.90
N GLY C 87 -8.88 -8.49 -6.75
CA GLY C 87 -9.86 -9.56 -6.46
C GLY C 87 -10.14 -9.75 -4.98
N PHE C 88 -9.53 -8.95 -4.08
CA PHE C 88 -9.79 -9.01 -2.61
C PHE C 88 -10.57 -7.78 -2.14
N ALA C 89 -10.73 -6.79 -3.02
CA ALA C 89 -11.53 -5.58 -2.81
C ALA C 89 -11.27 -4.96 -1.43
N THR C 90 -9.99 -4.70 -1.10
CA THR C 90 -9.58 -4.25 0.24
C THR C 90 -9.71 -2.74 0.39
N THR C 91 -9.95 -2.32 1.63
CA THR C 91 -9.85 -0.93 2.14
C THR C 91 -8.43 -0.71 2.68
N THR C 92 -8.10 0.55 2.97
CA THR C 92 -6.81 0.97 3.55
C THR C 92 -6.52 0.13 4.80
N THR C 93 -7.44 0.10 5.75
CA THR C 93 -7.24 -0.57 7.07
C THR C 93 -7.13 -2.09 6.88
N MET C 94 -7.89 -2.68 5.95
CA MET C 94 -7.76 -4.14 5.71
C MET C 94 -6.31 -4.42 5.27
N ARG C 95 -5.74 -3.61 4.39
CA ARG C 95 -4.36 -3.86 3.88
C ARG C 95 -3.36 -3.74 5.03
N LEU C 96 -3.55 -2.78 5.93
CA LEU C 96 -2.72 -2.60 7.16
C LEU C 96 -2.79 -3.90 8.00
N LEU C 97 -4.00 -4.44 8.17
CA LEU C 97 -4.32 -5.55 9.09
C LEU C 97 -4.15 -6.90 8.39
N ARG C 98 -3.70 -6.90 7.13
CA ARG C 98 -3.42 -8.11 6.33
C ARG C 98 -4.71 -8.92 6.13
N LEU C 99 -5.82 -8.22 5.89
CA LEU C 99 -7.16 -8.81 5.65
C LEU C 99 -7.57 -8.69 4.18
N ILE C 100 -8.30 -9.70 3.69
CA ILE C 100 -8.85 -9.80 2.32
C ILE C 100 -10.30 -10.33 2.40
N TRP C 101 -11.15 -9.95 1.45
CA TRP C 101 -12.50 -10.51 1.33
C TRP C 101 -12.38 -11.85 0.61
N VAL C 102 -13.02 -12.89 1.12
CA VAL C 102 -13.12 -14.21 0.42
C VAL C 102 -14.59 -14.64 0.35
N THR C 103 -14.97 -15.40 -0.67
CA THR C 103 -16.38 -15.78 -0.89
C THR C 103 -16.79 -16.89 0.09
N ALA C 104 -17.92 -16.73 0.78
CA ALA C 104 -18.56 -17.78 1.58
C ALA C 104 -19.65 -18.46 0.73
N ARG C 105 -20.44 -17.69 0.00
CA ARG C 105 -21.56 -18.21 -0.82
C ARG C 105 -21.70 -17.35 -2.08
N MET C 106 -22.05 -17.98 -3.19
CA MET C 106 -22.50 -17.29 -4.42
C MET C 106 -23.83 -17.90 -4.85
N HIS C 107 -24.79 -17.06 -5.24
CA HIS C 107 -26.12 -17.53 -5.68
C HIS C 107 -26.48 -16.77 -6.96
N ILE C 108 -26.67 -17.49 -8.07
CA ILE C 108 -27.09 -16.90 -9.37
C ILE C 108 -28.45 -17.50 -9.77
N GLU C 109 -29.38 -16.63 -10.18
CA GLU C 109 -30.68 -17.04 -10.74
C GLU C 109 -30.84 -16.38 -12.12
N ILE C 110 -31.09 -17.20 -13.14
CA ILE C 110 -31.28 -16.75 -14.56
C ILE C 110 -32.70 -17.10 -15.00
N TYR C 111 -33.49 -16.09 -15.37
CA TYR C 111 -34.86 -16.21 -15.93
C TYR C 111 -34.77 -16.46 -17.45
N LYS C 112 -33.83 -15.78 -18.10
CA LYS C 112 -33.60 -15.91 -19.56
C LYS C 112 -32.12 -15.64 -19.85
N TYR C 113 -31.42 -16.57 -20.49
CA TYR C 113 -30.03 -16.36 -20.95
C TYR C 113 -30.06 -15.47 -22.20
N PRO C 114 -29.20 -14.43 -22.28
CA PRO C 114 -29.15 -13.58 -23.47
C PRO C 114 -28.44 -14.27 -24.64
N ALA C 115 -28.76 -13.88 -25.86
CA ALA C 115 -28.23 -14.48 -27.10
C ALA C 115 -27.04 -13.65 -27.60
N TRP C 116 -26.30 -14.18 -28.58
CA TRP C 116 -25.24 -13.46 -29.32
C TRP C 116 -25.78 -12.12 -29.85
N GLY C 117 -25.15 -11.01 -29.49
CA GLY C 117 -25.56 -9.69 -29.97
C GLY C 117 -26.48 -8.98 -28.98
N ASP C 118 -27.08 -9.68 -28.01
CA ASP C 118 -27.91 -9.01 -26.99
C ASP C 118 -27.02 -8.12 -26.12
N VAL C 119 -27.55 -6.96 -25.75
CA VAL C 119 -26.91 -6.06 -24.75
C VAL C 119 -27.57 -6.36 -23.40
N VAL C 120 -26.75 -6.64 -22.40
CA VAL C 120 -27.24 -6.79 -21.01
C VAL C 120 -26.61 -5.70 -20.15
N GLU C 121 -27.39 -5.17 -19.22
CA GLU C 121 -26.95 -4.18 -18.23
C GLU C 121 -27.01 -4.83 -16.86
N ILE C 122 -25.90 -4.79 -16.14
CA ILE C 122 -25.84 -5.35 -14.76
C ILE C 122 -25.62 -4.19 -13.80
N GLU C 123 -26.49 -4.06 -12.82
CA GLU C 123 -26.32 -3.13 -11.68
C GLU C 123 -25.85 -3.94 -10.47
N THR C 124 -24.87 -3.44 -9.72
CA THR C 124 -24.33 -4.16 -8.54
C THR C 124 -24.13 -3.16 -7.40
N TRP C 125 -24.25 -3.66 -6.17
CA TRP C 125 -24.07 -2.86 -4.94
C TRP C 125 -23.77 -3.81 -3.79
N CYS C 126 -23.21 -3.27 -2.72
CA CYS C 126 -22.87 -4.04 -1.49
C CYS C 126 -23.70 -3.54 -0.31
N GLN C 127 -23.83 -4.41 0.69
CA GLN C 127 -24.59 -4.15 1.93
C GLN C 127 -23.78 -4.79 3.07
N GLU C 128 -23.86 -4.24 4.27
CA GLU C 128 -23.35 -4.93 5.47
C GLU C 128 -24.09 -6.27 5.62
N ASP C 129 -23.41 -7.35 6.03
CA ASP C 129 -24.04 -8.64 6.38
C ASP C 129 -23.64 -9.01 7.83
N GLY C 130 -24.34 -8.40 8.79
CA GLY C 130 -24.13 -8.57 10.24
C GLY C 130 -22.69 -8.33 10.66
N LYS C 131 -22.23 -9.07 11.68
CA LYS C 131 -20.83 -9.02 12.18
C LYS C 131 -19.92 -9.78 11.22
N ILE C 132 -20.47 -10.75 10.48
CA ILE C 132 -19.66 -11.80 9.78
C ILE C 132 -19.08 -11.25 8.46
N GLY C 133 -19.70 -10.25 7.82
CA GLY C 133 -19.18 -9.83 6.51
C GLY C 133 -20.04 -8.87 5.73
N THR C 134 -19.98 -9.01 4.40
CA THR C 134 -20.67 -8.14 3.41
C THR C 134 -21.43 -9.02 2.42
N ARG C 135 -22.42 -8.41 1.77
CA ARG C 135 -23.23 -8.98 0.67
C ARG C 135 -22.90 -8.16 -0.59
N ARG C 136 -22.67 -8.81 -1.72
CA ARG C 136 -22.76 -8.10 -3.02
C ARG C 136 -23.97 -8.66 -3.76
N ASP C 137 -24.83 -7.76 -4.27
CA ASP C 137 -26.01 -8.12 -5.08
C ASP C 137 -25.83 -7.64 -6.51
N TRP C 138 -26.50 -8.30 -7.45
CA TRP C 138 -26.54 -7.87 -8.88
C TRP C 138 -27.95 -8.06 -9.42
N ILE C 139 -28.37 -7.18 -10.32
CA ILE C 139 -29.59 -7.34 -11.18
C ILE C 139 -29.14 -7.27 -12.64
N ILE C 140 -29.51 -8.25 -13.44
CA ILE C 140 -29.17 -8.38 -14.89
C ILE C 140 -30.43 -8.02 -15.68
N LYS C 141 -30.36 -6.98 -16.50
CA LYS C 141 -31.47 -6.56 -17.39
C LYS C 141 -31.09 -6.80 -18.85
N ASP C 142 -32.07 -7.19 -19.63
CA ASP C 142 -32.01 -7.10 -21.10
C ASP C 142 -32.09 -5.60 -21.39
N TYR C 143 -31.00 -5.03 -21.92
CA TYR C 143 -30.90 -3.57 -22.10
C TYR C 143 -31.95 -3.07 -23.07
N SER C 144 -32.28 -3.87 -24.08
CA SER C 144 -33.24 -3.50 -25.14
C SER C 144 -34.64 -3.31 -24.56
N THR C 145 -35.12 -4.21 -23.72
CA THR C 145 -36.51 -4.18 -23.15
C THR C 145 -36.56 -3.57 -21.75
N GLY C 146 -35.45 -3.54 -21.03
CA GLY C 146 -35.43 -3.11 -19.61
C GLY C 146 -35.93 -4.20 -18.68
N VAL C 147 -36.23 -5.40 -19.18
CA VAL C 147 -36.77 -6.52 -18.36
C VAL C 147 -35.63 -7.17 -17.56
N VAL C 148 -35.87 -7.51 -16.29
CA VAL C 148 -34.93 -8.30 -15.46
C VAL C 148 -34.90 -9.75 -16.00
N ILE C 149 -33.73 -10.22 -16.42
CA ILE C 149 -33.51 -11.59 -16.95
C ILE C 149 -32.70 -12.41 -15.94
N GLY C 150 -32.23 -11.82 -14.86
CA GLY C 150 -31.46 -12.57 -13.86
C GLY C 150 -31.07 -11.72 -12.68
N ARG C 151 -30.51 -12.36 -11.66
CA ARG C 151 -30.11 -11.69 -10.40
C ARG C 151 -29.15 -12.62 -9.67
N ALA C 152 -28.36 -12.04 -8.78
CA ALA C 152 -27.31 -12.75 -8.04
C ALA C 152 -27.05 -12.05 -6.71
N THR C 153 -26.59 -12.84 -5.76
CA THR C 153 -26.15 -12.36 -4.45
C THR C 153 -24.99 -13.24 -3.99
N SER C 154 -24.14 -12.69 -3.13
CA SER C 154 -22.90 -13.32 -2.66
C SER C 154 -22.67 -12.88 -1.22
N LYS C 155 -22.16 -13.78 -0.38
CA LYS C 155 -21.70 -13.48 0.99
C LYS C 155 -20.18 -13.56 1.03
N TRP C 156 -19.54 -12.52 1.56
CA TRP C 156 -18.08 -12.40 1.71
C TRP C 156 -17.76 -12.29 3.19
N VAL C 157 -16.65 -12.89 3.58
CA VAL C 157 -16.14 -12.82 4.98
C VAL C 157 -14.69 -12.33 4.92
N MET C 158 -14.22 -11.75 6.00
CA MET C 158 -12.84 -11.24 6.12
C MET C 158 -11.92 -12.35 6.61
N MET C 159 -10.85 -12.61 5.87
CA MET C 159 -9.79 -13.60 6.19
C MET C 159 -8.46 -12.85 6.36
N ASN C 160 -7.68 -13.19 7.39
CA ASN C 160 -6.25 -12.82 7.50
C ASN C 160 -5.50 -13.59 6.41
N GLN C 161 -4.83 -12.90 5.48
CA GLN C 161 -4.22 -13.54 4.28
C GLN C 161 -3.00 -14.38 4.66
N ASP C 162 -2.42 -14.18 5.85
CA ASP C 162 -1.26 -14.97 6.34
C ASP C 162 -1.70 -16.21 7.10
N THR C 163 -2.76 -16.13 7.89
CA THR C 163 -3.17 -17.21 8.83
C THR C 163 -4.33 -18.02 8.24
N ARG C 164 -5.02 -17.50 7.22
CA ARG C 164 -6.22 -18.09 6.57
C ARG C 164 -7.37 -18.19 7.59
N ARG C 165 -7.23 -17.55 8.75
CA ARG C 165 -8.28 -17.52 9.80
C ARG C 165 -9.29 -16.42 9.47
N LEU C 166 -10.58 -16.76 9.57
CA LEU C 166 -11.70 -15.82 9.34
C LEU C 166 -11.77 -14.91 10.56
N GLN C 167 -12.41 -13.77 10.36
CA GLN C 167 -12.35 -12.58 11.24
C GLN C 167 -13.71 -11.89 11.16
N ARG C 168 -14.24 -11.48 12.31
CA ARG C 168 -15.35 -10.50 12.45
C ARG C 168 -14.78 -9.10 12.18
N VAL C 169 -15.57 -8.23 11.55
CA VAL C 169 -15.11 -6.95 10.93
C VAL C 169 -14.92 -5.87 12.00
N ASN C 170 -13.74 -5.27 12.12
CA ASN C 170 -13.48 -4.13 13.05
C ASN C 170 -14.31 -2.91 12.61
N ASP C 171 -14.59 -1.96 13.51
CA ASP C 171 -15.48 -0.81 13.21
C ASP C 171 -14.79 0.14 12.22
N GLU C 172 -13.44 0.20 12.28
CA GLU C 172 -12.62 1.08 11.42
C GLU C 172 -12.77 0.58 9.97
N VAL C 173 -12.67 -0.73 9.78
CA VAL C 173 -12.86 -1.37 8.45
C VAL C 173 -14.33 -1.21 8.04
N ARG C 174 -15.28 -1.40 8.96
CA ARG C 174 -16.72 -1.30 8.67
C ARG C 174 -16.96 0.07 8.04
N GLU C 175 -16.51 1.15 8.71
CA GLU C 175 -16.91 2.52 8.30
C GLU C 175 -16.37 2.83 6.90
N GLU C 176 -15.16 2.36 6.60
CA GLU C 176 -14.47 2.60 5.30
C GLU C 176 -15.32 2.09 4.13
N TYR C 177 -16.08 0.99 4.27
CA TYR C 177 -16.91 0.48 3.13
C TYR C 177 -18.38 0.91 3.27
N LEU C 178 -18.91 1.06 4.50
CA LEU C 178 -20.35 1.32 4.72
C LEU C 178 -20.80 2.59 4.02
N ILE C 179 -19.87 3.52 3.85
CA ILE C 179 -20.02 4.83 3.15
C ILE C 179 -20.37 4.61 1.67
N PHE C 180 -20.03 3.44 1.11
CA PHE C 180 -20.26 3.12 -0.32
C PHE C 180 -21.45 2.16 -0.50
N CYS C 181 -22.21 1.92 0.57
CA CYS C 181 -23.38 1.02 0.60
C CYS C 181 -24.65 1.83 0.86
N PRO C 182 -25.78 1.49 0.20
CA PRO C 182 -27.06 2.11 0.52
C PRO C 182 -27.36 2.00 2.02
N ARG C 183 -27.97 3.07 2.56
CA ARG C 183 -28.22 3.23 4.01
C ARG C 183 -29.41 2.34 4.38
N THR C 184 -30.49 2.42 3.59
CA THR C 184 -31.59 1.40 3.64
C THR C 184 -31.18 0.24 2.74
N PRO C 185 -31.08 -1.00 3.26
CA PRO C 185 -30.72 -2.14 2.44
C PRO C 185 -31.62 -2.26 1.19
N ARG C 186 -30.98 -2.45 0.03
CA ARG C 186 -31.55 -2.91 -1.26
C ARG C 186 -31.25 -4.40 -1.41
N LEU C 187 -32.26 -5.22 -1.70
CA LEU C 187 -32.11 -6.69 -1.90
C LEU C 187 -32.45 -7.02 -3.37
N ALA C 188 -31.57 -7.72 -4.09
CA ALA C 188 -31.95 -8.37 -5.37
C ALA C 188 -32.91 -9.54 -5.06
N PHE C 189 -32.88 -10.07 -3.84
CA PHE C 189 -33.75 -11.19 -3.39
C PHE C 189 -34.61 -10.72 -2.21
N PRO C 190 -35.62 -9.86 -2.47
CA PRO C 190 -36.44 -9.30 -1.38
C PRO C 190 -37.53 -10.27 -0.90
N GLU C 191 -37.73 -11.39 -1.58
CA GLU C 191 -38.77 -12.38 -1.19
C GLU C 191 -38.44 -13.00 0.19
N GLU C 192 -39.50 -13.47 0.84
CA GLU C 192 -39.59 -13.91 2.25
C GLU C 192 -38.48 -14.90 2.65
N ASP C 193 -38.47 -16.07 2.04
CA ASP C 193 -37.68 -17.25 2.47
C ASP C 193 -36.83 -17.63 1.26
N SER C 194 -35.97 -16.72 0.82
CA SER C 194 -35.26 -16.80 -0.49
C SER C 194 -34.46 -18.10 -0.58
N ASP C 195 -34.50 -18.76 -1.73
CA ASP C 195 -33.59 -19.89 -2.08
C ASP C 195 -32.14 -19.44 -1.90
N SER C 196 -31.86 -18.15 -2.06
CA SER C 196 -30.49 -17.60 -1.97
C SER C 196 -29.90 -17.78 -0.56
N LEU C 197 -30.75 -17.96 0.47
CA LEU C 197 -30.29 -18.13 1.88
C LEU C 197 -30.53 -19.56 2.36
N LYS C 198 -31.04 -20.45 1.50
CA LYS C 198 -31.35 -21.85 1.87
C LYS C 198 -30.05 -22.61 2.10
N LYS C 199 -29.97 -23.36 3.21
CA LYS C 199 -28.81 -24.20 3.57
C LYS C 199 -28.64 -25.30 2.51
N ILE C 200 -27.41 -25.72 2.26
CA ILE C 200 -27.08 -26.85 1.37
C ILE C 200 -26.57 -27.99 2.24
N PRO C 201 -27.31 -29.12 2.29
CA PRO C 201 -26.82 -30.31 2.99
C PRO C 201 -25.70 -30.98 2.19
N LYS C 202 -24.96 -31.85 2.88
CA LYS C 202 -23.91 -32.70 2.28
C LYS C 202 -24.59 -33.92 1.68
N LEU C 203 -24.45 -34.15 0.38
CA LEU C 203 -25.05 -35.35 -0.28
C LEU C 203 -24.40 -36.61 0.28
N GLU C 204 -25.17 -37.69 0.35
CA GLU C 204 -24.73 -39.01 0.88
C GLU C 204 -24.04 -39.79 -0.24
N GLU C 205 -22.85 -40.33 0.02
CA GLU C 205 -22.11 -41.17 -0.94
C GLU C 205 -22.65 -42.60 -0.83
N PRO C 206 -22.58 -43.41 -1.92
CA PRO C 206 -22.13 -42.93 -3.23
C PRO C 206 -23.09 -41.95 -3.91
N ALA C 207 -22.53 -40.91 -4.51
CA ALA C 207 -23.24 -39.94 -5.38
C ALA C 207 -23.84 -40.66 -6.58
N GLN C 208 -24.98 -40.22 -7.08
CA GLN C 208 -25.62 -40.78 -8.30
C GLN C 208 -24.74 -40.52 -9.53
N SER C 209 -24.07 -39.38 -9.56
CA SER C 209 -23.33 -38.91 -10.75
C SER C 209 -22.00 -38.30 -10.27
N SER C 210 -20.92 -38.54 -11.00
CA SER C 210 -19.59 -38.02 -10.62
C SER C 210 -18.70 -37.82 -11.85
N LYS C 211 -17.86 -36.80 -11.76
CA LYS C 211 -16.68 -36.60 -12.61
C LYS C 211 -15.45 -36.59 -11.69
N LEU C 212 -14.66 -37.66 -11.74
CA LEU C 212 -13.52 -37.89 -10.81
C LEU C 212 -12.22 -37.37 -11.42
N GLY C 213 -11.31 -36.92 -10.56
CA GLY C 213 -9.91 -36.65 -10.92
C GLY C 213 -9.75 -35.44 -11.81
N LEU C 214 -10.53 -34.38 -11.57
CA LEU C 214 -10.44 -33.12 -12.33
C LEU C 214 -9.16 -32.39 -11.91
N VAL C 215 -8.40 -31.85 -12.86
CA VAL C 215 -7.10 -31.16 -12.58
C VAL C 215 -7.18 -29.77 -13.14
N PRO C 216 -6.89 -28.72 -12.34
CA PRO C 216 -6.91 -27.35 -12.85
C PRO C 216 -5.78 -27.16 -13.87
N ARG C 217 -6.07 -26.35 -14.89
CA ARG C 217 -5.11 -25.90 -15.92
C ARG C 217 -4.53 -24.56 -15.46
N ARG C 218 -3.36 -24.18 -15.95
CA ARG C 218 -2.81 -22.81 -15.73
C ARG C 218 -3.86 -21.77 -16.09
N ALA C 219 -4.63 -21.98 -17.16
CA ALA C 219 -5.71 -21.07 -17.61
C ALA C 219 -6.82 -20.94 -16.54
N ASP C 220 -6.93 -21.86 -15.59
CA ASP C 220 -8.00 -21.87 -14.54
C ASP C 220 -7.55 -21.12 -13.28
N LEU C 221 -6.31 -20.65 -13.20
CA LEU C 221 -5.75 -20.06 -11.96
C LEU C 221 -6.00 -18.55 -11.97
N ASP C 222 -6.43 -18.00 -10.82
CA ASP C 222 -6.52 -16.54 -10.56
C ASP C 222 -5.08 -16.02 -10.40
N MET C 223 -4.90 -14.70 -10.33
CA MET C 223 -3.56 -14.05 -10.31
C MET C 223 -2.88 -14.31 -8.96
N ASN C 224 -3.37 -15.29 -8.19
CA ASN C 224 -2.82 -15.75 -6.87
C ASN C 224 -2.73 -17.27 -6.84
N GLN C 225 -2.80 -17.93 -8.02
CA GLN C 225 -2.47 -19.37 -8.22
C GLN C 225 -3.56 -20.27 -7.61
N HIS C 226 -4.75 -19.72 -7.35
CA HIS C 226 -5.94 -20.46 -6.86
C HIS C 226 -6.92 -20.65 -8.02
N VAL C 227 -7.55 -21.81 -8.10
CA VAL C 227 -8.66 -22.10 -9.05
C VAL C 227 -9.67 -20.96 -8.94
N ASN C 228 -10.03 -20.33 -10.06
CA ASN C 228 -10.99 -19.20 -10.12
C ASN C 228 -12.42 -19.75 -9.99
N ASN C 229 -13.38 -18.86 -9.81
CA ASN C 229 -14.80 -19.18 -9.52
C ASN C 229 -15.44 -19.89 -10.72
N VAL C 230 -15.18 -19.39 -11.94
CA VAL C 230 -15.76 -19.95 -13.18
C VAL C 230 -15.36 -21.42 -13.30
N THR C 231 -14.14 -21.77 -12.84
CA THR C 231 -13.67 -23.17 -12.91
C THR C 231 -14.52 -24.02 -11.95
N TYR C 232 -14.84 -23.55 -10.74
CA TYR C 232 -15.67 -24.29 -9.77
C TYR C 232 -17.05 -24.54 -10.39
N ILE C 233 -17.63 -23.49 -10.98
CA ILE C 233 -18.97 -23.57 -11.63
C ILE C 233 -18.92 -24.64 -12.72
N GLY C 234 -17.92 -24.60 -13.60
CA GLY C 234 -17.71 -25.61 -14.64
C GLY C 234 -17.59 -26.99 -14.07
N TRP C 235 -16.79 -27.16 -13.02
CA TRP C 235 -16.62 -28.47 -12.32
C TRP C 235 -17.95 -28.97 -11.78
N VAL C 236 -18.75 -28.07 -11.21
CA VAL C 236 -20.09 -28.45 -10.68
C VAL C 236 -20.94 -28.99 -11.85
N LEU C 237 -20.93 -28.30 -12.99
CA LEU C 237 -21.74 -28.64 -14.18
C LEU C 237 -21.23 -29.94 -14.82
N GLU C 238 -19.93 -30.25 -14.71
CA GLU C 238 -19.39 -31.55 -15.21
C GLU C 238 -20.14 -32.73 -14.57
N SER C 239 -20.63 -32.58 -13.33
CA SER C 239 -21.27 -33.69 -12.57
C SER C 239 -22.72 -33.90 -13.02
N ILE C 240 -23.27 -33.05 -13.88
CA ILE C 240 -24.71 -33.15 -14.29
C ILE C 240 -24.82 -34.18 -15.40
N PRO C 241 -25.76 -35.14 -15.31
CA PRO C 241 -25.98 -36.09 -16.40
C PRO C 241 -26.23 -35.42 -17.76
N GLN C 242 -25.65 -35.97 -18.82
CA GLN C 242 -25.77 -35.41 -20.20
C GLN C 242 -27.25 -35.29 -20.58
N GLU C 243 -28.05 -36.27 -20.18
CA GLU C 243 -29.50 -36.33 -20.48
C GLU C 243 -30.16 -35.03 -19.97
N ILE C 244 -29.71 -34.53 -18.80
CA ILE C 244 -30.25 -33.27 -18.22
C ILE C 244 -29.80 -32.07 -19.04
N ILE C 245 -28.50 -32.02 -19.38
CA ILE C 245 -27.90 -30.94 -20.20
C ILE C 245 -28.71 -30.86 -21.52
N ASP C 246 -29.11 -32.01 -22.06
CA ASP C 246 -29.75 -32.10 -23.40
C ASP C 246 -31.20 -31.60 -23.37
N THR C 247 -31.85 -31.59 -22.21
CA THR C 247 -33.33 -31.39 -22.11
C THR C 247 -33.71 -30.22 -21.19
N HIS C 248 -32.78 -29.70 -20.37
CA HIS C 248 -33.04 -28.67 -19.33
C HIS C 248 -32.00 -27.55 -19.41
N GLU C 249 -32.30 -26.37 -18.85
CA GLU C 249 -31.27 -25.36 -18.58
C GLU C 249 -31.29 -24.94 -17.11
N LEU C 250 -30.16 -24.37 -16.70
CA LEU C 250 -29.93 -24.04 -15.28
C LEU C 250 -30.71 -22.75 -14.97
N GLN C 251 -31.58 -22.78 -13.96
CA GLN C 251 -32.26 -21.57 -13.47
C GLN C 251 -31.47 -21.01 -12.25
N THR C 252 -31.02 -21.82 -11.31
CA THR C 252 -30.26 -21.31 -10.15
C THR C 252 -29.06 -22.22 -9.84
N ILE C 253 -27.98 -21.60 -9.40
CA ILE C 253 -26.80 -22.29 -8.82
C ILE C 253 -26.46 -21.56 -7.52
N THR C 254 -26.22 -22.35 -6.49
CA THR C 254 -25.76 -21.87 -5.16
C THR C 254 -24.49 -22.67 -4.82
N LEU C 255 -23.39 -22.00 -4.51
CA LEU C 255 -22.14 -22.64 -4.02
C LEU C 255 -21.82 -22.07 -2.65
N ASP C 256 -21.55 -22.94 -1.68
CA ASP C 256 -20.90 -22.60 -0.39
C ASP C 256 -19.44 -23.03 -0.48
N TYR C 257 -18.50 -22.12 -0.27
CA TYR C 257 -17.04 -22.39 -0.41
C TYR C 257 -16.49 -22.70 0.96
N ARG C 258 -15.62 -23.72 1.02
CA ARG C 258 -14.93 -24.10 2.28
C ARG C 258 -13.42 -23.87 2.11
N ARG C 259 -12.83 -24.37 1.03
CA ARG C 259 -11.35 -24.38 0.84
C ARG C 259 -11.02 -23.99 -0.58
N GLU C 260 -9.83 -23.43 -0.76
CA GLU C 260 -9.27 -23.10 -2.09
C GLU C 260 -8.60 -24.36 -2.64
N CYS C 261 -8.73 -24.57 -3.94
CA CYS C 261 -8.05 -25.64 -4.69
C CYS C 261 -6.70 -25.05 -5.18
N GLN C 262 -5.60 -25.75 -4.89
CA GLN C 262 -4.21 -25.38 -5.29
C GLN C 262 -3.93 -25.94 -6.69
N HIS C 263 -2.90 -25.42 -7.37
CA HIS C 263 -2.50 -25.84 -8.73
C HIS C 263 -2.32 -27.37 -8.81
N ASP C 264 -1.85 -28.01 -7.74
CA ASP C 264 -1.48 -29.46 -7.74
C ASP C 264 -2.58 -30.30 -7.06
N ASP C 265 -3.72 -29.71 -6.74
CA ASP C 265 -4.87 -30.45 -6.14
C ASP C 265 -5.60 -31.23 -7.24
N ILE C 266 -6.15 -32.40 -6.89
CA ILE C 266 -7.03 -33.21 -7.79
C ILE C 266 -8.42 -33.26 -7.15
N VAL C 267 -9.47 -33.00 -7.93
CA VAL C 267 -10.84 -32.78 -7.40
C VAL C 267 -11.81 -33.82 -7.98
N ASP C 268 -12.71 -34.32 -7.15
CA ASP C 268 -13.89 -35.11 -7.57
C ASP C 268 -15.12 -34.22 -7.44
N SER C 269 -15.91 -34.16 -8.51
CA SER C 269 -17.18 -33.41 -8.57
C SER C 269 -18.32 -34.42 -8.54
N LEU C 270 -19.10 -34.41 -7.46
CA LEU C 270 -20.21 -35.36 -7.19
C LEU C 270 -21.55 -34.63 -7.27
N SER C 271 -22.57 -35.33 -7.79
CA SER C 271 -23.96 -34.83 -7.69
C SER C 271 -24.94 -35.97 -7.41
N SER C 272 -26.08 -35.60 -6.83
CA SER C 272 -27.29 -36.45 -6.69
C SER C 272 -28.52 -35.55 -6.85
N ARG C 273 -29.62 -36.10 -7.36
CA ARG C 273 -30.94 -35.43 -7.35
C ARG C 273 -31.34 -35.17 -5.90
N GLU C 274 -32.02 -34.05 -5.67
CA GLU C 274 -32.54 -33.55 -4.36
C GLU C 274 -34.06 -33.37 -4.47
N GLY C 291 -41.67 -30.21 -14.80
CA GLY C 291 -40.76 -29.52 -15.73
C GLY C 291 -39.54 -28.95 -15.02
N GLU C 292 -39.23 -29.45 -13.82
CA GLU C 292 -38.18 -28.88 -12.93
C GLU C 292 -37.43 -30.04 -12.27
N CYS C 293 -36.14 -29.89 -11.97
CA CYS C 293 -35.36 -30.85 -11.14
C CYS C 293 -34.18 -30.13 -10.47
N GLN C 294 -33.73 -30.68 -9.34
CA GLN C 294 -32.72 -30.08 -8.42
C GLN C 294 -31.67 -31.12 -8.11
N PHE C 295 -30.41 -30.68 -8.01
CA PHE C 295 -29.24 -31.51 -7.70
C PHE C 295 -28.49 -30.88 -6.53
N LEU C 296 -28.01 -31.73 -5.61
CA LEU C 296 -26.94 -31.40 -4.64
C LEU C 296 -25.61 -31.70 -5.31
N HIS C 297 -24.61 -30.90 -4.96
CA HIS C 297 -23.24 -31.02 -5.49
C HIS C 297 -22.28 -31.02 -4.31
N PHE C 298 -21.15 -31.69 -4.53
CA PHE C 298 -20.04 -31.74 -3.55
C PHE C 298 -18.76 -31.85 -4.35
N LEU C 299 -17.85 -30.90 -4.12
CA LEU C 299 -16.48 -30.89 -4.68
C LEU C 299 -15.54 -31.27 -3.53
N LYS C 300 -14.73 -32.31 -3.71
CA LYS C 300 -13.85 -32.81 -2.62
C LYS C 300 -12.51 -33.23 -3.24
N LEU C 301 -11.45 -33.12 -2.43
CA LEU C 301 -10.08 -33.50 -2.83
C LEU C 301 -10.01 -35.01 -2.99
N SER C 302 -9.42 -35.46 -4.11
CA SER C 302 -9.30 -36.90 -4.44
C SER C 302 -8.57 -37.66 -3.32
N GLY C 303 -7.44 -37.16 -2.82
CA GLY C 303 -6.66 -37.89 -1.80
C GLY C 303 -7.39 -37.95 -0.46
N SER C 304 -7.57 -36.79 0.17
CA SER C 304 -7.98 -36.65 1.59
C SER C 304 -9.48 -36.82 1.75
N GLY C 305 -10.28 -36.62 0.68
CA GLY C 305 -11.75 -36.47 0.78
C GLY C 305 -12.18 -35.11 1.36
N LEU C 306 -11.26 -34.17 1.58
CA LEU C 306 -11.61 -32.85 2.19
C LEU C 306 -12.55 -32.06 1.27
N GLU C 307 -13.59 -31.47 1.86
CA GLU C 307 -14.58 -30.64 1.14
C GLU C 307 -13.89 -29.40 0.58
N ILE C 308 -14.08 -29.11 -0.71
CA ILE C 308 -13.69 -27.81 -1.35
C ILE C 308 -14.90 -26.89 -1.32
N ASN C 309 -16.03 -27.36 -1.85
CA ASN C 309 -17.30 -26.61 -1.83
C ASN C 309 -18.46 -27.60 -1.98
N ARG C 310 -19.66 -27.08 -1.78
CA ARG C 310 -20.92 -27.83 -1.97
C ARG C 310 -21.85 -26.89 -2.70
N GLY C 311 -22.86 -27.45 -3.36
CA GLY C 311 -23.75 -26.64 -4.20
C GLY C 311 -25.12 -27.25 -4.36
N ARG C 312 -26.01 -26.44 -4.91
CA ARG C 312 -27.35 -26.85 -5.36
C ARG C 312 -27.58 -26.18 -6.73
N THR C 313 -28.07 -26.95 -7.70
CA THR C 313 -28.53 -26.40 -9.02
C THR C 313 -29.99 -26.79 -9.21
N GLN C 314 -30.77 -25.86 -9.76
CA GLN C 314 -32.19 -26.05 -10.13
C GLN C 314 -32.30 -25.84 -11.63
N TRP C 315 -33.02 -26.75 -12.28
CA TRP C 315 -33.11 -26.89 -13.75
C TRP C 315 -34.56 -26.76 -14.19
N ARG C 316 -34.77 -26.20 -15.37
CA ARG C 316 -36.09 -26.00 -16.01
C ARG C 316 -36.06 -26.69 -17.38
N ARG C 317 -37.09 -27.46 -17.69
CA ARG C 317 -37.19 -28.20 -18.98
C ARG C 317 -37.31 -27.17 -20.09
N LEU C 318 -36.55 -27.36 -21.17
CA LEU C 318 -36.67 -26.57 -22.42
C LEU C 318 -37.67 -27.31 -23.32
N ALA C 319 -38.68 -26.62 -23.81
CA ALA C 319 -39.76 -27.23 -24.63
C ALA C 319 -39.42 -27.08 -26.11
N LYS C 320 -38.46 -26.21 -26.43
CA LYS C 320 -37.93 -26.01 -27.80
C LYS C 320 -36.47 -25.55 -27.66
N GLY D 35 -19.00 -3.75 -34.16
CA GLY D 35 -18.20 -3.98 -35.39
C GLY D 35 -18.92 -3.64 -36.67
N SER D 36 -18.19 -3.51 -37.76
CA SER D 36 -18.76 -3.03 -39.04
C SER D 36 -17.81 -3.34 -40.20
N LEU D 37 -18.37 -3.70 -41.35
CA LEU D 37 -17.62 -3.69 -42.62
C LEU D 37 -17.03 -2.30 -42.82
N GLU D 38 -15.85 -2.23 -43.41
CA GLU D 38 -15.23 -0.97 -43.88
C GLU D 38 -15.99 -0.46 -45.10
N PRO D 39 -15.84 0.83 -45.48
CA PRO D 39 -16.54 1.38 -46.64
C PRO D 39 -16.49 0.50 -47.92
N ASP D 40 -15.31 -0.02 -48.27
CA ASP D 40 -15.11 -0.82 -49.51
C ASP D 40 -15.73 -2.23 -49.35
N GLY D 41 -16.20 -2.62 -48.16
CA GLY D 41 -16.84 -3.93 -47.91
C GLY D 41 -15.89 -5.13 -47.94
N LEU D 42 -14.56 -4.92 -47.97
CA LEU D 42 -13.54 -5.99 -48.17
C LEU D 42 -12.75 -6.27 -46.87
N SER D 43 -13.06 -5.60 -45.78
CA SER D 43 -12.47 -5.88 -44.44
C SER D 43 -13.48 -5.46 -43.38
N TYR D 44 -13.25 -5.92 -42.14
CA TYR D 44 -14.21 -5.79 -41.02
C TYR D 44 -13.44 -5.31 -39.79
N LYS D 45 -14.04 -4.43 -39.00
CA LYS D 45 -13.36 -3.85 -37.81
C LYS D 45 -14.28 -3.96 -36.61
N GLU D 46 -13.73 -4.31 -35.46
CA GLU D 46 -14.48 -4.41 -34.19
C GLU D 46 -13.55 -3.99 -33.07
N SER D 47 -14.10 -3.30 -32.08
CA SER D 47 -13.36 -2.85 -30.88
C SER D 47 -13.82 -3.64 -29.67
N PHE D 48 -12.91 -3.86 -28.73
CA PHE D 48 -13.17 -4.53 -27.43
C PHE D 48 -12.49 -3.74 -26.32
N ILE D 49 -13.13 -3.72 -25.15
CA ILE D 49 -12.57 -3.17 -23.90
C ILE D 49 -12.13 -4.36 -23.06
N VAL D 50 -10.83 -4.46 -22.78
CA VAL D 50 -10.27 -5.64 -22.10
C VAL D 50 -10.88 -5.68 -20.69
N ARG D 51 -11.37 -6.86 -20.29
CA ARG D 51 -12.10 -7.06 -19.01
C ARG D 51 -11.13 -7.60 -17.96
N SER D 52 -11.41 -7.32 -16.69
CA SER D 52 -10.57 -7.73 -15.53
C SER D 52 -10.34 -9.24 -15.57
N TYR D 53 -11.34 -10.04 -15.94
CA TYR D 53 -11.20 -11.52 -15.89
C TYR D 53 -10.42 -12.03 -17.12
N GLU D 54 -10.17 -11.19 -18.12
CA GLU D 54 -9.48 -11.59 -19.37
C GLU D 54 -7.96 -11.49 -19.22
N VAL D 55 -7.46 -10.96 -18.09
CA VAL D 55 -5.99 -10.78 -17.88
C VAL D 55 -5.49 -11.93 -17.01
N GLY D 56 -4.24 -12.32 -17.20
CA GLY D 56 -3.57 -13.40 -16.46
C GLY D 56 -2.47 -12.88 -15.55
N VAL D 57 -1.48 -13.72 -15.25
CA VAL D 57 -0.43 -13.47 -14.21
C VAL D 57 0.36 -12.20 -14.55
N ASN D 58 0.54 -11.86 -15.81
CA ASN D 58 1.37 -10.69 -16.21
C ASN D 58 0.48 -9.44 -16.25
N LYS D 59 -0.77 -9.52 -15.73
CA LYS D 59 -1.68 -8.35 -15.55
C LYS D 59 -2.05 -7.74 -16.91
N THR D 60 -1.99 -8.54 -17.96
CA THR D 60 -2.43 -8.15 -19.32
C THR D 60 -3.24 -9.33 -19.89
N ALA D 61 -3.97 -9.08 -20.98
CA ALA D 61 -4.87 -10.07 -21.63
C ALA D 61 -4.10 -11.35 -21.92
N THR D 62 -4.70 -12.49 -21.63
CA THR D 62 -4.11 -13.82 -21.88
C THR D 62 -4.06 -14.05 -23.39
N VAL D 63 -3.23 -15.00 -23.80
CA VAL D 63 -3.19 -15.52 -25.20
C VAL D 63 -4.59 -16.03 -25.55
N GLU D 64 -5.28 -16.68 -24.61
CA GLU D 64 -6.63 -17.25 -24.83
C GLU D 64 -7.61 -16.11 -25.16
N THR D 65 -7.55 -15.00 -24.44
CA THR D 65 -8.42 -13.84 -24.71
C THR D 65 -8.15 -13.31 -26.12
N ILE D 66 -6.88 -13.16 -26.49
CA ILE D 66 -6.52 -12.63 -27.83
C ILE D 66 -7.14 -13.57 -28.87
N ALA D 67 -6.94 -14.88 -28.75
CA ALA D 67 -7.48 -15.87 -29.71
C ALA D 67 -9.00 -15.76 -29.81
N ASN D 68 -9.68 -15.55 -28.68
CA ASN D 68 -11.14 -15.41 -28.60
C ASN D 68 -11.59 -14.18 -29.38
N LEU D 69 -10.90 -13.05 -29.21
CA LEU D 69 -11.22 -11.80 -29.93
C LEU D 69 -10.99 -11.97 -31.42
N LEU D 70 -9.93 -12.68 -31.84
CA LEU D 70 -9.65 -12.96 -33.27
C LEU D 70 -10.83 -13.76 -33.86
N GLN D 71 -11.28 -14.80 -33.14
CA GLN D 71 -12.44 -15.65 -33.54
C GLN D 71 -13.69 -14.78 -33.64
N GLU D 72 -13.93 -13.92 -32.64
CA GLU D 72 -15.16 -13.10 -32.56
C GLU D 72 -15.25 -12.18 -33.79
N VAL D 73 -14.20 -11.41 -34.09
CA VAL D 73 -14.28 -10.45 -35.22
C VAL D 73 -14.40 -11.24 -36.53
N GLY D 74 -13.77 -12.42 -36.64
CA GLY D 74 -13.93 -13.27 -37.83
C GLY D 74 -15.35 -13.76 -38.03
N CYS D 75 -16.03 -14.15 -36.96
CA CYS D 75 -17.44 -14.61 -36.94
C CYS D 75 -18.37 -13.46 -37.33
N ASN D 76 -18.20 -12.28 -36.74
CA ASN D 76 -19.02 -11.08 -37.07
C ASN D 76 -18.80 -10.70 -38.54
N HIS D 77 -17.60 -10.88 -39.09
CA HIS D 77 -17.29 -10.59 -40.51
C HIS D 77 -18.07 -11.59 -41.39
N ALA D 78 -17.98 -12.87 -41.09
CA ALA D 78 -18.73 -13.94 -41.82
C ALA D 78 -20.22 -13.58 -41.83
N GLN D 79 -20.76 -13.19 -40.69
CA GLN D 79 -22.21 -12.87 -40.57
C GLN D 79 -22.54 -11.68 -41.47
N SER D 80 -21.65 -10.68 -41.54
CA SER D 80 -21.89 -9.40 -42.27
C SER D 80 -21.94 -9.64 -43.79
N VAL D 81 -21.34 -10.71 -44.31
CA VAL D 81 -21.33 -11.00 -45.77
C VAL D 81 -22.26 -12.17 -46.09
N GLY D 82 -23.04 -12.66 -45.12
CA GLY D 82 -24.09 -13.67 -45.30
C GLY D 82 -23.58 -15.10 -45.30
N PHE D 83 -22.37 -15.39 -44.80
CA PHE D 83 -21.83 -16.77 -44.68
C PHE D 83 -22.28 -17.37 -43.34
N SER D 84 -22.07 -18.67 -43.14
CA SER D 84 -22.48 -19.38 -41.90
C SER D 84 -21.73 -18.76 -40.71
N THR D 85 -22.36 -18.82 -39.55
CA THR D 85 -21.81 -18.32 -38.25
C THR D 85 -21.61 -19.51 -37.32
N ASP D 86 -21.62 -20.73 -37.86
CA ASP D 86 -21.51 -22.00 -37.11
C ASP D 86 -20.03 -22.38 -36.90
N GLY D 87 -19.08 -21.57 -37.37
CA GLY D 87 -17.63 -21.82 -37.26
C GLY D 87 -17.06 -22.54 -38.49
N PHE D 88 -17.85 -22.78 -39.54
CA PHE D 88 -17.37 -23.32 -40.85
C PHE D 88 -17.36 -22.25 -41.95
N ALA D 89 -17.96 -21.11 -41.67
CA ALA D 89 -17.98 -19.90 -42.54
C ALA D 89 -18.31 -20.27 -44.01
N THR D 90 -19.40 -20.99 -44.24
CA THR D 90 -19.71 -21.58 -45.57
C THR D 90 -20.53 -20.62 -46.42
N THR D 91 -20.42 -20.79 -47.74
CA THR D 91 -21.34 -20.25 -48.77
C THR D 91 -22.47 -21.24 -49.03
N THR D 92 -23.49 -20.78 -49.74
CA THR D 92 -24.65 -21.59 -50.18
C THR D 92 -24.14 -22.87 -50.85
N THR D 93 -23.30 -22.72 -51.86
CA THR D 93 -22.82 -23.84 -52.71
C THR D 93 -21.94 -24.80 -51.89
N MET D 94 -21.11 -24.30 -50.96
CA MET D 94 -20.31 -25.21 -50.09
C MET D 94 -21.27 -26.13 -49.33
N ARG D 95 -22.35 -25.58 -48.78
CA ARG D 95 -23.30 -26.38 -47.96
C ARG D 95 -23.95 -27.46 -48.87
N LEU D 96 -24.32 -27.12 -50.11
CA LEU D 96 -24.81 -28.08 -51.14
C LEU D 96 -23.80 -29.20 -51.37
N LEU D 97 -22.52 -28.85 -51.48
CA LEU D 97 -21.39 -29.74 -51.87
C LEU D 97 -20.82 -30.45 -50.62
N ARG D 98 -21.37 -30.21 -49.44
CA ARG D 98 -20.97 -30.90 -48.18
C ARG D 98 -19.52 -30.50 -47.85
N LEU D 99 -19.19 -29.22 -48.10
CA LEU D 99 -17.84 -28.66 -47.82
C LEU D 99 -17.92 -27.70 -46.64
N ILE D 100 -16.84 -27.67 -45.84
CA ILE D 100 -16.64 -26.73 -44.70
C ILE D 100 -15.21 -26.20 -44.73
N TRP D 101 -15.00 -24.97 -44.25
CA TRP D 101 -13.63 -24.47 -44.01
C TRP D 101 -13.12 -25.07 -42.70
N VAL D 102 -11.90 -25.58 -42.69
CA VAL D 102 -11.23 -26.06 -41.44
C VAL D 102 -9.84 -25.43 -41.37
N THR D 103 -9.30 -25.26 -40.17
CA THR D 103 -8.00 -24.62 -39.96
C THR D 103 -6.86 -25.57 -40.34
N ALA D 104 -5.91 -25.11 -41.15
CA ALA D 104 -4.63 -25.79 -41.39
C ALA D 104 -3.57 -25.21 -40.46
N ARG D 105 -3.51 -23.89 -40.32
CA ARG D 105 -2.48 -23.19 -39.52
C ARG D 105 -3.08 -21.93 -38.91
N MET D 106 -2.64 -21.61 -37.70
CA MET D 106 -2.91 -20.31 -37.04
C MET D 106 -1.56 -19.74 -36.58
N HIS D 107 -1.32 -18.47 -36.84
CA HIS D 107 -0.09 -17.78 -36.42
C HIS D 107 -0.47 -16.45 -35.76
N ILE D 108 -0.15 -16.28 -34.49
CA ILE D 108 -0.41 -15.02 -33.73
C ILE D 108 0.94 -14.43 -33.30
N GLU D 109 1.13 -13.14 -33.52
CA GLU D 109 2.26 -12.36 -32.95
C GLU D 109 1.70 -11.23 -32.10
N ILE D 110 2.11 -11.17 -30.82
CA ILE D 110 1.72 -10.08 -29.87
C ILE D 110 2.97 -9.28 -29.51
N TYR D 111 2.98 -7.99 -29.86
CA TYR D 111 4.08 -7.04 -29.56
C TYR D 111 3.91 -6.49 -28.14
N LYS D 112 2.67 -6.20 -27.76
CA LYS D 112 2.30 -5.73 -26.40
C LYS D 112 0.88 -6.20 -26.08
N TYR D 113 0.72 -6.91 -24.96
CA TYR D 113 -0.59 -7.34 -24.46
C TYR D 113 -1.31 -6.13 -23.85
N PRO D 114 -2.59 -5.90 -24.20
CA PRO D 114 -3.36 -4.82 -23.61
C PRO D 114 -3.77 -5.11 -22.16
N ALA D 115 -3.95 -4.06 -21.37
CA ALA D 115 -4.29 -4.14 -19.93
C ALA D 115 -5.80 -4.04 -19.78
N TRP D 116 -6.29 -4.36 -18.58
CA TRP D 116 -7.68 -4.12 -18.15
C TRP D 116 -8.10 -2.67 -18.47
N GLY D 117 -9.17 -2.48 -19.23
CA GLY D 117 -9.67 -1.13 -19.56
C GLY D 117 -9.11 -0.60 -20.88
N ASP D 118 -8.05 -1.17 -21.43
CA ASP D 118 -7.56 -0.76 -22.77
C ASP D 118 -8.60 -1.10 -23.83
N VAL D 119 -8.76 -0.23 -24.81
CA VAL D 119 -9.64 -0.44 -25.98
C VAL D 119 -8.75 -0.89 -27.13
N VAL D 120 -9.06 -2.02 -27.75
CA VAL D 120 -8.30 -2.55 -28.91
C VAL D 120 -9.25 -2.64 -30.09
N GLU D 121 -8.74 -2.33 -31.27
CA GLU D 121 -9.50 -2.38 -32.53
C GLU D 121 -8.82 -3.44 -33.40
N ILE D 122 -9.61 -4.40 -33.87
CA ILE D 122 -9.06 -5.50 -34.71
C ILE D 122 -9.72 -5.39 -36.08
N GLU D 123 -8.89 -5.26 -37.11
CA GLU D 123 -9.32 -5.31 -38.52
C GLU D 123 -8.98 -6.69 -39.07
N THR D 124 -9.91 -7.31 -39.80
CA THR D 124 -9.71 -8.67 -40.35
C THR D 124 -10.22 -8.70 -41.78
N TRP D 125 -9.61 -9.55 -42.59
CA TRP D 125 -9.98 -9.73 -44.02
C TRP D 125 -9.45 -11.10 -44.45
N CYS D 126 -10.01 -11.61 -45.54
CA CYS D 126 -9.63 -12.89 -46.17
C CYS D 126 -9.00 -12.65 -47.55
N GLN D 127 -8.22 -13.61 -48.01
CA GLN D 127 -7.51 -13.59 -49.31
C GLN D 127 -7.51 -15.02 -49.83
N GLU D 128 -7.57 -15.20 -51.14
CA GLU D 128 -7.29 -16.49 -51.81
C GLU D 128 -5.93 -17.02 -51.36
N ASP D 129 -5.81 -18.33 -51.10
CA ASP D 129 -4.52 -19.00 -50.76
C ASP D 129 -4.41 -20.25 -51.63
N GLY D 130 -4.16 -20.11 -52.94
CA GLY D 130 -4.33 -21.20 -53.92
C GLY D 130 -5.78 -21.65 -54.04
N LYS D 131 -6.03 -22.71 -54.82
CA LYS D 131 -7.40 -23.14 -55.23
C LYS D 131 -8.10 -23.84 -54.06
N ILE D 132 -7.30 -24.50 -53.21
CA ILE D 132 -7.82 -25.32 -52.09
C ILE D 132 -8.13 -24.42 -50.88
N GLY D 133 -7.53 -23.23 -50.78
CA GLY D 133 -7.43 -22.49 -49.50
C GLY D 133 -7.79 -21.01 -49.52
N THR D 134 -7.98 -20.49 -48.31
CA THR D 134 -8.10 -19.05 -47.97
C THR D 134 -7.17 -18.74 -46.81
N ARG D 135 -6.81 -17.46 -46.69
CA ARG D 135 -6.05 -16.85 -45.60
C ARG D 135 -7.00 -15.89 -44.89
N ARG D 136 -7.03 -15.90 -43.56
CA ARG D 136 -7.63 -14.79 -42.81
C ARG D 136 -6.50 -14.09 -42.07
N ASP D 137 -6.43 -12.77 -42.23
CA ASP D 137 -5.42 -11.91 -41.55
C ASP D 137 -6.14 -11.03 -40.53
N TRP D 138 -5.43 -10.65 -39.47
CA TRP D 138 -5.90 -9.66 -38.50
C TRP D 138 -4.76 -8.69 -38.17
N ILE D 139 -5.10 -7.42 -37.94
CA ILE D 139 -4.21 -6.43 -37.29
C ILE D 139 -4.90 -5.92 -36.03
N ILE D 140 -4.20 -5.95 -34.91
CA ILE D 140 -4.69 -5.50 -33.58
C ILE D 140 -4.02 -4.15 -33.29
N LYS D 141 -4.83 -3.11 -33.11
CA LYS D 141 -4.33 -1.76 -32.74
C LYS D 141 -4.80 -1.40 -31.33
N ASP D 142 -3.95 -0.70 -30.60
CA ASP D 142 -4.37 0.10 -29.43
C ASP D 142 -5.23 1.23 -29.97
N TYR D 143 -6.51 1.24 -29.66
CA TYR D 143 -7.50 2.19 -30.22
C TYR D 143 -7.07 3.62 -29.88
N SER D 144 -6.54 3.83 -28.68
CA SER D 144 -6.21 5.18 -28.16
C SER D 144 -5.07 5.80 -28.99
N THR D 145 -4.00 5.05 -29.28
CA THR D 145 -2.79 5.57 -29.96
C THR D 145 -2.79 5.25 -31.46
N GLY D 146 -3.55 4.26 -31.91
CA GLY D 146 -3.48 3.78 -33.30
C GLY D 146 -2.23 2.92 -33.56
N VAL D 147 -1.46 2.57 -32.53
CA VAL D 147 -0.24 1.73 -32.68
C VAL D 147 -0.65 0.26 -32.89
N VAL D 148 0.01 -0.45 -33.80
CA VAL D 148 -0.17 -1.93 -33.97
C VAL D 148 0.48 -2.63 -32.77
N ILE D 149 -0.31 -3.40 -32.00
CA ILE D 149 0.19 -4.16 -30.83
C ILE D 149 0.21 -5.65 -31.14
N GLY D 150 -0.30 -6.07 -32.29
CA GLY D 150 -0.34 -7.50 -32.64
C GLY D 150 -0.84 -7.73 -34.05
N ARG D 151 -0.57 -8.93 -34.57
CA ARG D 151 -1.08 -9.33 -35.90
C ARG D 151 -1.18 -10.86 -35.91
N ALA D 152 -2.01 -11.37 -36.82
CA ALA D 152 -2.30 -12.81 -36.92
C ALA D 152 -2.66 -13.13 -38.37
N THR D 153 -2.40 -14.37 -38.72
CA THR D 153 -2.76 -14.95 -40.01
C THR D 153 -3.12 -16.43 -39.79
N SER D 154 -3.96 -16.95 -40.66
CA SER D 154 -4.52 -18.31 -40.57
C SER D 154 -4.68 -18.85 -41.98
N LYS D 155 -4.42 -20.14 -42.18
CA LYS D 155 -4.69 -20.86 -43.44
C LYS D 155 -5.86 -21.81 -43.21
N TRP D 156 -6.85 -21.72 -44.08
CA TRP D 156 -8.07 -22.56 -44.08
C TRP D 156 -8.11 -23.36 -45.37
N VAL D 157 -8.57 -24.60 -45.27
CA VAL D 157 -8.70 -25.49 -46.45
C VAL D 157 -10.14 -25.96 -46.49
N MET D 158 -10.59 -26.28 -47.69
CA MET D 158 -11.95 -26.77 -47.95
C MET D 158 -11.92 -28.29 -47.81
N MET D 159 -12.74 -28.80 -46.90
CA MET D 159 -12.78 -30.22 -46.54
C MET D 159 -14.21 -30.70 -46.81
N ASN D 160 -14.33 -31.87 -47.45
CA ASN D 160 -15.59 -32.62 -47.52
C ASN D 160 -15.89 -33.14 -46.09
N GLN D 161 -17.05 -32.78 -45.54
CA GLN D 161 -17.41 -33.07 -44.11
C GLN D 161 -17.63 -34.58 -43.91
N ASP D 162 -17.87 -35.34 -44.98
CA ASP D 162 -18.14 -36.81 -44.92
C ASP D 162 -16.83 -37.58 -45.04
N THR D 163 -15.89 -37.15 -45.87
CA THR D 163 -14.65 -37.91 -46.18
C THR D 163 -13.45 -37.38 -45.40
N ARG D 164 -13.51 -36.16 -44.87
CA ARG D 164 -12.40 -35.44 -44.20
C ARG D 164 -11.25 -35.16 -45.17
N ARG D 165 -11.47 -35.39 -46.47
CA ARG D 165 -10.47 -35.11 -47.54
C ARG D 165 -10.59 -33.65 -47.96
N LEU D 166 -9.45 -32.99 -48.18
CA LEU D 166 -9.42 -31.72 -48.99
C LEU D 166 -10.14 -31.91 -50.33
N GLN D 167 -11.06 -31.01 -50.70
CA GLN D 167 -11.79 -31.07 -52.01
C GLN D 167 -11.74 -29.70 -52.69
N ARG D 168 -11.18 -29.64 -53.89
CA ARG D 168 -11.15 -28.43 -54.75
C ARG D 168 -12.52 -28.31 -55.41
N VAL D 169 -13.02 -27.08 -55.60
CA VAL D 169 -14.26 -26.78 -56.40
C VAL D 169 -13.90 -25.83 -57.55
N ASN D 170 -14.82 -25.68 -58.51
CA ASN D 170 -14.59 -24.84 -59.72
C ASN D 170 -14.48 -23.35 -59.28
N ASP D 171 -14.01 -22.51 -60.19
CA ASP D 171 -13.75 -21.06 -59.94
C ASP D 171 -15.07 -20.34 -59.68
N GLU D 172 -16.16 -20.81 -60.29
CA GLU D 172 -17.55 -20.30 -60.09
C GLU D 172 -17.94 -20.38 -58.60
N VAL D 173 -17.67 -21.50 -57.94
CA VAL D 173 -17.96 -21.67 -56.48
C VAL D 173 -17.03 -20.76 -55.67
N ARG D 174 -15.76 -20.66 -56.05
CA ARG D 174 -14.73 -19.84 -55.34
C ARG D 174 -15.11 -18.36 -55.43
N GLU D 175 -15.68 -17.91 -56.54
CA GLU D 175 -16.06 -16.49 -56.77
C GLU D 175 -17.10 -16.04 -55.73
N GLU D 176 -17.96 -16.93 -55.23
CA GLU D 176 -18.94 -16.66 -54.16
C GLU D 176 -18.28 -16.00 -52.93
N TYR D 177 -17.07 -16.40 -52.56
CA TYR D 177 -16.33 -15.81 -51.39
C TYR D 177 -15.27 -14.81 -51.84
N LEU D 178 -14.61 -15.05 -52.99
CA LEU D 178 -13.48 -14.20 -53.47
C LEU D 178 -13.96 -12.76 -53.69
N ILE D 179 -15.25 -12.57 -53.95
CA ILE D 179 -15.94 -11.26 -54.10
C ILE D 179 -15.90 -10.46 -52.80
N PHE D 180 -15.69 -11.11 -51.65
CA PHE D 180 -15.61 -10.43 -50.32
C PHE D 180 -14.16 -10.29 -49.84
N CYS D 181 -13.19 -10.55 -50.73
CA CYS D 181 -11.73 -10.44 -50.48
C CYS D 181 -11.13 -9.33 -51.34
N PRO D 182 -10.15 -8.56 -50.80
CA PRO D 182 -9.41 -7.60 -51.63
C PRO D 182 -8.83 -8.28 -52.86
N ARG D 183 -8.80 -7.54 -53.97
CA ARG D 183 -8.37 -8.02 -55.32
C ARG D 183 -6.84 -8.05 -55.30
N THR D 184 -6.24 -6.95 -54.85
CA THR D 184 -4.79 -6.75 -54.59
C THR D 184 -4.48 -7.35 -53.23
N PRO D 185 -3.51 -8.29 -53.14
CA PRO D 185 -3.12 -8.87 -51.85
C PRO D 185 -2.87 -7.81 -50.75
N ARG D 186 -3.55 -7.92 -49.61
CA ARG D 186 -3.20 -7.22 -48.34
C ARG D 186 -2.63 -8.28 -47.40
N LEU D 187 -1.40 -8.11 -46.94
CA LEU D 187 -0.71 -9.06 -46.03
C LEU D 187 -0.52 -8.37 -44.68
N ALA D 188 -0.99 -8.94 -43.57
CA ALA D 188 -0.53 -8.53 -42.23
C ALA D 188 0.96 -8.91 -42.06
N PHE D 189 1.45 -9.89 -42.82
CA PHE D 189 2.86 -10.38 -42.77
C PHE D 189 3.50 -10.18 -44.15
N PRO D 190 3.80 -8.92 -44.55
CA PRO D 190 4.35 -8.65 -45.88
C PRO D 190 5.84 -8.98 -46.01
N GLU D 191 6.53 -9.27 -44.90
CA GLU D 191 7.99 -9.49 -44.91
C GLU D 191 8.32 -10.77 -45.68
N GLU D 192 9.56 -10.82 -46.20
CA GLU D 192 10.06 -11.76 -47.25
C GLU D 192 9.89 -13.23 -46.84
N ASP D 193 10.50 -13.62 -45.72
CA ASP D 193 10.60 -15.04 -45.30
C ASP D 193 9.90 -15.15 -43.95
N SER D 194 8.60 -14.84 -43.91
CA SER D 194 7.83 -14.63 -42.66
C SER D 194 7.90 -15.86 -41.77
N ASP D 195 8.09 -15.66 -40.46
CA ASP D 195 7.94 -16.75 -39.45
C ASP D 195 6.56 -17.40 -39.61
N SER D 196 5.57 -16.64 -40.08
CA SER D 196 4.17 -17.11 -40.20
C SER D 196 4.06 -18.27 -41.23
N LEU D 197 5.02 -18.40 -42.15
CA LEU D 197 5.01 -19.46 -43.20
C LEU D 197 6.09 -20.52 -42.93
N LYS D 198 6.86 -20.38 -41.85
CA LYS D 198 7.97 -21.31 -41.51
C LYS D 198 7.39 -22.69 -41.15
N LYS D 199 7.96 -23.75 -41.72
CA LYS D 199 7.57 -25.15 -41.45
C LYS D 199 7.90 -25.49 -39.99
N ILE D 200 7.09 -26.36 -39.39
CA ILE D 200 7.29 -26.85 -38.01
C ILE D 200 7.70 -28.31 -38.11
N PRO D 201 8.94 -28.66 -37.71
CA PRO D 201 9.35 -30.06 -37.64
C PRO D 201 8.69 -30.76 -36.42
N LYS D 202 8.73 -32.08 -36.45
CA LYS D 202 8.23 -32.93 -35.35
C LYS D 202 9.35 -33.06 -34.32
N LEU D 203 9.13 -32.63 -33.08
CA LEU D 203 10.17 -32.75 -32.01
C LEU D 203 10.43 -34.24 -31.74
N GLU D 204 11.67 -34.59 -31.39
CA GLU D 204 12.07 -35.98 -31.06
C GLU D 204 11.81 -36.24 -29.57
N GLU D 205 11.20 -37.38 -29.26
CA GLU D 205 10.96 -37.83 -27.87
C GLU D 205 12.25 -38.47 -27.34
N PRO D 206 12.52 -38.44 -26.02
CA PRO D 206 11.67 -37.73 -25.05
C PRO D 206 11.72 -36.20 -25.17
N ALA D 207 10.55 -35.57 -25.09
CA ALA D 207 10.37 -34.11 -25.00
C ALA D 207 11.02 -33.59 -23.72
N GLN D 208 11.55 -32.38 -23.74
CA GLN D 208 12.18 -31.75 -22.54
C GLN D 208 11.09 -31.44 -21.51
N SER D 209 9.90 -31.09 -21.98
CA SER D 209 8.78 -30.69 -21.09
C SER D 209 7.49 -31.34 -21.60
N SER D 210 6.65 -31.83 -20.70
CA SER D 210 5.42 -32.55 -21.08
C SER D 210 4.37 -32.51 -19.98
N LYS D 211 3.13 -32.47 -20.42
CA LYS D 211 1.90 -32.65 -19.61
C LYS D 211 1.15 -33.84 -20.22
N LEU D 212 1.13 -34.98 -19.52
CA LEU D 212 0.55 -36.24 -20.05
C LEU D 212 -0.91 -36.39 -19.58
N GLY D 213 -1.74 -37.00 -20.42
CA GLY D 213 -3.08 -37.48 -20.04
C GLY D 213 -4.06 -36.34 -19.81
N LEU D 214 -3.99 -35.28 -20.63
CA LEU D 214 -4.93 -34.14 -20.55
C LEU D 214 -6.29 -34.60 -21.08
N VAL D 215 -7.37 -34.23 -20.39
CA VAL D 215 -8.77 -34.63 -20.78
C VAL D 215 -9.58 -33.37 -20.97
N PRO D 216 -10.28 -33.21 -22.12
CA PRO D 216 -11.14 -32.05 -22.32
C PRO D 216 -12.34 -32.11 -21.35
N ARG D 217 -12.78 -30.94 -20.90
CA ARG D 217 -14.02 -30.72 -20.13
C ARG D 217 -15.17 -30.45 -21.10
N ARG D 218 -16.42 -30.65 -20.66
CA ARG D 218 -17.61 -30.21 -21.43
C ARG D 218 -17.43 -28.77 -21.90
N ALA D 219 -16.94 -27.91 -21.00
CA ALA D 219 -16.73 -26.47 -21.22
C ALA D 219 -15.70 -26.23 -22.34
N ASP D 220 -14.88 -27.23 -22.71
CA ASP D 220 -13.83 -27.08 -23.76
C ASP D 220 -14.38 -27.43 -25.15
N LEU D 221 -15.62 -27.91 -25.28
CA LEU D 221 -16.16 -28.42 -26.57
C LEU D 221 -16.87 -27.30 -27.31
N ASP D 222 -16.63 -27.18 -28.63
CA ASP D 222 -17.40 -26.30 -29.56
C ASP D 222 -18.79 -26.92 -29.77
N MET D 223 -19.68 -26.21 -30.47
CA MET D 223 -21.10 -26.64 -30.66
C MET D 223 -21.15 -27.80 -31.66
N ASN D 224 -20.03 -28.49 -31.88
CA ASN D 224 -19.93 -29.75 -32.69
C ASN D 224 -19.10 -30.79 -31.95
N GLN D 225 -18.92 -30.64 -30.63
CA GLN D 225 -18.37 -31.66 -29.69
C GLN D 225 -16.87 -31.85 -29.92
N HIS D 226 -16.21 -30.87 -30.58
CA HIS D 226 -14.74 -30.85 -30.82
C HIS D 226 -14.12 -29.85 -29.84
N VAL D 227 -12.93 -30.20 -29.32
CA VAL D 227 -12.11 -29.30 -28.47
C VAL D 227 -11.95 -27.99 -29.24
N ASN D 228 -12.27 -26.85 -28.61
CA ASN D 228 -12.17 -25.50 -29.25
C ASN D 228 -10.71 -25.07 -29.26
N ASN D 229 -10.41 -24.01 -30.01
CA ASN D 229 -9.02 -23.55 -30.28
C ASN D 229 -8.33 -23.08 -29.00
N VAL D 230 -9.05 -22.37 -28.16
CA VAL D 230 -8.54 -21.84 -26.87
C VAL D 230 -8.04 -22.99 -26.00
N THR D 231 -8.69 -24.16 -26.07
CA THR D 231 -8.29 -25.34 -25.27
C THR D 231 -6.93 -25.83 -25.82
N TYR D 232 -6.73 -25.86 -27.14
CA TYR D 232 -5.44 -26.29 -27.74
C TYR D 232 -4.33 -25.35 -27.29
N ILE D 233 -4.61 -24.04 -27.31
CA ILE D 233 -3.64 -23.00 -26.90
C ILE D 233 -3.27 -23.26 -25.44
N GLY D 234 -4.25 -23.44 -24.55
CA GLY D 234 -4.04 -23.77 -23.14
C GLY D 234 -3.18 -25.01 -23.01
N TRP D 235 -3.50 -26.08 -23.73
CA TRP D 235 -2.72 -27.35 -23.73
C TRP D 235 -1.28 -27.11 -24.17
N VAL D 236 -1.08 -26.29 -25.19
CA VAL D 236 0.30 -25.97 -25.68
C VAL D 236 1.06 -25.28 -24.54
N LEU D 237 0.44 -24.31 -23.87
CA LEU D 237 1.08 -23.53 -22.78
C LEU D 237 1.31 -24.41 -21.55
N GLU D 238 0.49 -25.45 -21.30
CA GLU D 238 0.73 -26.40 -20.19
C GLU D 238 2.12 -27.03 -20.33
N SER D 239 2.63 -27.20 -21.55
CA SER D 239 3.91 -27.91 -21.82
C SER D 239 5.10 -26.98 -21.56
N ILE D 240 4.89 -25.70 -21.28
CA ILE D 240 6.00 -24.74 -21.08
C ILE D 240 6.47 -24.84 -19.65
N PRO D 241 7.79 -24.94 -19.39
CA PRO D 241 8.30 -24.95 -18.01
C PRO D 241 7.85 -23.73 -17.17
N GLN D 242 7.47 -23.94 -15.91
CA GLN D 242 7.02 -22.85 -14.97
C GLN D 242 8.07 -21.74 -14.94
N GLU D 243 9.34 -22.11 -14.95
CA GLU D 243 10.47 -21.16 -14.87
C GLU D 243 10.36 -20.17 -16.04
N ILE D 244 9.93 -20.64 -17.22
CA ILE D 244 9.74 -19.77 -18.42
C ILE D 244 8.51 -18.86 -18.19
N ILE D 245 7.40 -19.43 -17.72
CA ILE D 245 6.15 -18.68 -17.44
C ILE D 245 6.48 -17.55 -16.46
N ASP D 246 7.38 -17.80 -15.51
CA ASP D 246 7.70 -16.84 -14.41
C ASP D 246 8.58 -15.69 -14.92
N THR D 247 9.30 -15.86 -16.02
CA THR D 247 10.37 -14.90 -16.46
C THR D 247 10.14 -14.36 -17.86
N HIS D 248 9.24 -14.97 -18.66
CA HIS D 248 9.02 -14.64 -20.09
C HIS D 248 7.52 -14.47 -20.39
N GLU D 249 7.20 -13.80 -21.49
CA GLU D 249 5.83 -13.86 -22.07
C GLU D 249 5.91 -14.23 -23.55
N LEU D 250 4.80 -14.73 -24.05
CA LEU D 250 4.72 -15.30 -25.41
C LEU D 250 4.68 -14.15 -26.40
N GLN D 251 5.58 -14.16 -27.39
CA GLN D 251 5.53 -13.19 -28.50
C GLN D 251 4.82 -13.80 -29.71
N THR D 252 5.09 -15.06 -30.07
CA THR D 252 4.39 -15.69 -31.22
C THR D 252 3.99 -17.12 -30.88
N ILE D 253 2.88 -17.57 -31.43
CA ILE D 253 2.44 -18.99 -31.42
C ILE D 253 2.01 -19.35 -32.84
N THR D 254 2.45 -20.51 -33.30
CA THR D 254 2.10 -21.11 -34.61
C THR D 254 1.60 -22.53 -34.32
N LEU D 255 0.38 -22.86 -34.75
CA LEU D 255 -0.17 -24.25 -34.65
C LEU D 255 -0.46 -24.72 -36.07
N ASP D 256 0.02 -25.91 -36.44
CA ASP D 256 -0.46 -26.69 -37.61
C ASP D 256 -1.40 -27.76 -37.08
N TYR D 257 -2.65 -27.80 -37.58
CA TYR D 257 -3.68 -28.73 -37.09
C TYR D 257 -3.68 -29.94 -38.03
N ARG D 258 -3.77 -31.13 -37.43
CA ARG D 258 -3.89 -32.39 -38.20
C ARG D 258 -5.26 -33.02 -37.96
N ARG D 259 -5.71 -33.08 -36.72
CA ARG D 259 -6.93 -33.82 -36.31
C ARG D 259 -7.69 -33.02 -35.27
N GLU D 260 -8.97 -33.31 -35.13
CA GLU D 260 -9.79 -32.81 -33.99
C GLU D 260 -9.65 -33.79 -32.83
N CYS D 261 -9.64 -33.26 -31.62
CA CYS D 261 -9.73 -34.01 -30.35
C CYS D 261 -11.22 -34.19 -30.01
N GLN D 262 -11.63 -35.44 -29.77
CA GLN D 262 -13.03 -35.82 -29.40
C GLN D 262 -13.19 -35.72 -27.88
N HIS D 263 -14.44 -35.69 -27.41
CA HIS D 263 -14.80 -35.60 -25.97
C HIS D 263 -14.08 -36.67 -25.14
N ASP D 264 -13.85 -37.87 -25.69
CA ASP D 264 -13.31 -39.03 -24.94
C ASP D 264 -11.82 -39.25 -25.26
N ASP D 265 -11.19 -38.32 -25.98
CA ASP D 265 -9.75 -38.42 -26.34
C ASP D 265 -8.92 -38.01 -25.13
N ILE D 266 -7.75 -38.64 -24.95
CA ILE D 266 -6.75 -38.28 -23.91
C ILE D 266 -5.49 -37.82 -24.66
N VAL D 267 -4.96 -36.66 -24.28
CA VAL D 267 -3.89 -35.95 -25.03
C VAL D 267 -2.63 -35.79 -24.19
N ASP D 268 -1.47 -35.98 -24.82
CA ASP D 268 -0.14 -35.64 -24.28
C ASP D 268 0.34 -34.35 -24.99
N SER D 269 0.72 -33.36 -24.20
CA SER D 269 1.23 -32.05 -24.68
C SER D 269 2.73 -32.02 -24.41
N LEU D 270 3.54 -32.01 -25.47
CA LEU D 270 5.02 -32.09 -25.41
C LEU D 270 5.64 -30.80 -25.92
N SER D 271 6.76 -30.38 -25.34
CA SER D 271 7.60 -29.28 -25.88
C SER D 271 9.08 -29.57 -25.67
N SER D 272 9.91 -28.97 -26.52
CA SER D 272 11.39 -28.90 -26.41
C SER D 272 11.84 -27.54 -26.95
N ARG D 273 12.94 -26.99 -26.40
CA ARG D 273 13.61 -25.79 -26.96
C ARG D 273 14.08 -26.14 -28.37
N GLU D 274 13.94 -25.19 -29.30
CA GLU D 274 14.35 -25.27 -30.73
C GLU D 274 15.56 -24.34 -30.94
N CYS D 293 13.60 -17.02 -26.27
CA CYS D 293 13.72 -18.50 -26.47
C CYS D 293 12.52 -19.00 -27.28
N GLN D 294 12.72 -20.14 -27.96
CA GLN D 294 11.74 -20.76 -28.89
C GLN D 294 11.55 -22.23 -28.52
N PHE D 295 10.32 -22.72 -28.63
CA PHE D 295 9.93 -24.10 -28.32
C PHE D 295 9.19 -24.68 -29.52
N LEU D 296 9.48 -25.96 -29.82
CA LEU D 296 8.62 -26.83 -30.64
C LEU D 296 7.59 -27.48 -29.71
N HIS D 297 6.40 -27.70 -30.24
CA HIS D 297 5.27 -28.33 -29.52
C HIS D 297 4.72 -29.47 -30.37
N PHE D 298 4.17 -30.46 -29.69
CA PHE D 298 3.51 -31.62 -30.32
C PHE D 298 2.40 -32.08 -29.36
N LEU D 299 1.18 -32.09 -29.86
CA LEU D 299 -0.02 -32.62 -29.17
C LEU D 299 -0.37 -33.96 -29.82
N LYS D 300 -0.44 -35.04 -29.04
CA LYS D 300 -0.64 -36.39 -29.60
C LYS D 300 -1.57 -37.17 -28.68
N LEU D 301 -2.32 -38.11 -29.26
CA LEU D 301 -3.24 -39.01 -28.52
C LEU D 301 -2.43 -39.96 -27.65
N SER D 302 -2.86 -40.12 -26.41
CA SER D 302 -2.19 -40.98 -25.40
C SER D 302 -2.06 -42.42 -25.92
N GLY D 303 -3.12 -43.03 -26.46
CA GLY D 303 -3.03 -44.46 -26.84
C GLY D 303 -2.13 -44.66 -28.05
N SER D 304 -2.58 -44.13 -29.18
CA SER D 304 -2.06 -44.38 -30.54
C SER D 304 -0.76 -43.62 -30.80
N GLY D 305 -0.51 -42.50 -30.11
CA GLY D 305 0.53 -41.53 -30.46
C GLY D 305 0.18 -40.70 -31.70
N LEU D 306 -1.06 -40.76 -32.21
CA LEU D 306 -1.47 -39.99 -33.41
C LEU D 306 -1.40 -38.50 -33.12
N GLU D 307 -0.84 -37.76 -34.09
CA GLU D 307 -0.66 -36.30 -33.98
C GLU D 307 -2.03 -35.62 -34.02
N ILE D 308 -2.27 -34.69 -33.08
CA ILE D 308 -3.45 -33.78 -33.07
C ILE D 308 -3.03 -32.47 -33.73
N ASN D 309 -1.94 -31.89 -33.23
CA ASN D 309 -1.34 -30.65 -33.79
C ASN D 309 0.15 -30.61 -33.43
N ARG D 310 0.86 -29.69 -34.05
CA ARG D 310 2.26 -29.35 -33.72
C ARG D 310 2.34 -27.84 -33.70
N GLY D 311 3.37 -27.28 -33.08
CA GLY D 311 3.43 -25.84 -32.86
C GLY D 311 4.83 -25.35 -32.62
N ARG D 312 4.94 -24.02 -32.61
CA ARG D 312 6.16 -23.25 -32.28
C ARG D 312 5.71 -22.05 -31.44
N THR D 313 6.38 -21.79 -30.32
CA THR D 313 6.17 -20.57 -29.51
C THR D 313 7.51 -19.87 -29.39
N GLN D 314 7.48 -18.53 -29.45
CA GLN D 314 8.63 -17.63 -29.25
C GLN D 314 8.32 -16.77 -28.04
N TRP D 315 9.31 -16.61 -27.15
CA TRP D 315 9.15 -15.96 -25.83
C TRP D 315 10.14 -14.79 -25.73
N ARG D 316 9.74 -13.75 -25.02
CA ARG D 316 10.57 -12.55 -24.69
C ARG D 316 10.58 -12.40 -23.17
N ARG D 317 11.75 -12.06 -22.60
CA ARG D 317 11.92 -11.77 -21.16
C ARG D 317 10.92 -10.66 -20.78
N LEU D 318 10.30 -10.76 -19.61
CA LEU D 318 9.34 -9.74 -19.10
C LEU D 318 10.00 -8.40 -18.81
C1 WP2 E . 14.41 12.31 37.24
C2 WP2 E . 12.98 12.66 37.54
C4 WP2 E . 10.89 13.30 36.95
C7 WP2 E . 13.10 12.26 40.01
C10 WP2 E . 13.43 11.28 42.14
C11 WP2 E . 13.47 11.54 43.64
C12 WP2 E . 12.80 10.29 44.23
N13 WP2 E . 12.74 9.28 43.15
C14 WP2 E . 12.28 7.90 43.36
C16 WP2 E . 14.08 6.55 44.43
C20 WP2 E . 14.43 5.02 42.15
C21 WP2 E . 13.51 6.03 42.19
C23 WP2 E . 13.08 9.82 41.96
C3 WP2 E . 12.11 13.01 36.54
S5 WP2 E . 10.72 13.11 38.69
C6 WP2 E . 12.42 12.61 38.78
N8 WP2 E . 14.35 11.95 40.15
O9 WP2 E . 14.65 11.67 41.52
C15 WP2 E . 13.31 6.80 43.33
F17 WP2 E . 13.88 7.31 45.55
C18 WP2 E . 15.00 5.54 44.41
C19 WP2 E . 15.17 4.77 43.29
F22 WP2 E . 12.78 6.25 41.11
O24 WP2 E . 13.12 9.19 40.91
C25 WP2 E . 12.46 12.20 41.39
C1 WP2 F . 15.17 13.86 4.56
C2 WP2 F . 16.07 15.04 4.24
C4 WP2 F . 17.30 16.91 4.74
C7 WP2 F . 16.11 14.71 1.76
C10 WP2 F . 16.51 13.81 -0.40
C11 WP2 F . 16.30 14.15 -1.89
C12 WP2 F . 17.57 13.55 -2.57
N13 WP2 F . 18.36 12.89 -1.53
C14 WP2 F . 19.63 12.24 -1.78
C16 WP2 F . 19.07 10.13 -2.94
C20 WP2 F . 19.92 8.51 -0.84
C21 WP2 F . 19.98 9.90 -0.78
C23 WP2 F . 17.79 13.01 -0.33
C3 WP2 F . 16.54 15.89 5.19
S5 WP2 F . 17.43 16.86 3.01
C6 WP2 F . 16.43 15.40 2.98
N8 WP2 F . 15.33 13.70 1.56
O9 WP2 F . 15.32 13.27 0.17
C15 WP2 F . 19.56 10.71 -1.81
F17 WP2 F . 18.69 10.94 -3.95
C18 WP2 F . 19.01 8.75 -3.02
C19 WP2 F . 19.43 7.95 -1.99
F22 WP2 F . 20.45 10.42 0.34
O24 WP2 F . 18.21 12.52 0.67
C25 WP2 F . 16.67 15.09 0.42
C1 WP2 G . -17.33 -9.54 -6.98
C2 WP2 G . -15.97 -9.64 -6.33
C4 WP2 G . -13.75 -10.18 -6.27
C7 WP2 G . -16.60 -8.72 -4.07
C10 WP2 G . -17.21 -7.36 -2.25
C11 WP2 G . -17.40 -7.39 -0.73
C12 WP2 G . -16.93 -6.00 -0.28
N13 WP2 G . -16.61 -5.23 -1.49
C14 WP2 G . -16.13 -3.84 -1.39
C16 WP2 G . -18.06 -2.29 -0.85
C20 WP2 G . -17.97 -1.20 -3.38
C21 WP2 G . -17.08 -2.19 -3.01
C23 WP2 G . -16.76 -5.97 -2.61
C3 WP2 G . -14.87 -10.15 -7.01
S5 WP2 G . -14.00 -9.56 -4.63
C6 WP2 G . -15.69 -9.29 -5.05
N8 WP2 G . -17.85 -8.41 -4.21
O9 WP2 G . -18.35 -7.87 -2.97
C15 WP2 G . -17.11 -2.73 -1.75
F17 WP2 G . -18.13 -2.85 0.41
C18 WP2 G . -18.96 -1.30 -1.23
C19 WP2 G . -18.90 -0.75 -2.49
F22 WP2 G . -16.16 -2.66 -3.84
O24 WP2 G . -16.54 -5.57 -3.74
C25 WP2 G . -16.16 -8.40 -2.67
C1 WP2 H . -12.11 -17.06 -37.95
C2 WP2 H . -12.91 -18.32 -38.26
C4 WP2 H . -14.20 -20.12 -37.69
C7 WP2 H . -12.52 -18.34 -40.77
C10 WP2 H . -12.45 -18.01 -43.12
C11 WP2 H . -12.00 -18.63 -44.43
C12 WP2 H . -13.10 -18.19 -45.45
N13 WP2 H . -14.02 -17.32 -44.71
C14 WP2 H . -15.19 -16.69 -45.31
C16 WP2 H . -14.42 -14.85 -46.83
C20 WP2 H . -15.56 -12.93 -45.19
C21 WP2 H . -15.63 -14.27 -44.85
C23 WP2 H . -13.70 -17.19 -43.44
C3 WP2 H . -13.54 -19.03 -37.27
S5 WP2 H . -14.07 -20.32 -39.42
C6 WP2 H . -13.07 -18.85 -39.50
N8 WP2 H . -11.70 -17.37 -41.06
O9 WP2 H . -11.39 -17.31 -42.48
C15 WP2 H . -15.05 -15.23 -45.65
F17 WP2 H . -13.84 -15.79 -47.60
C18 WP2 H . -14.31 -13.49 -47.17
C19 WP2 H . -14.89 -12.54 -46.34
F22 WP2 H . -16.30 -14.62 -43.72
O24 WP2 H . -14.30 -16.52 -42.65
C25 WP2 H . -12.79 -19.06 -42.07
#